data_5KYT
#
_entry.id   5KYT
#
_cell.length_a   92.587
_cell.length_b   92.587
_cell.length_c   294.465
_cell.angle_alpha   90.00
_cell.angle_beta   90.00
_cell.angle_gamma   120.00
#
_symmetry.space_group_name_H-M   'P 31 2 1'
#
loop_
_entity.id
_entity.type
_entity.pdbx_description
1 polymer 'Luciferin 4-monooxygenase'
2 non-polymer "5'-O-[N-(DEHYDROLUCIFERYL)-SULFAMOYL] ADENOSINE"
3 non-polymer 1,2-ETHANEDIOL
4 water water
#
_entity_poly.entity_id   1
_entity_poly.type   'polypeptide(L)'
_entity_poly.pdbx_seq_one_letter_code
;MEDAKNIKKGPAPFYPLEDGTAGEQLHKAMKRYALVPGTIAFTDAHIEVNITYAEYFEMSVRLAEAMKRYGLNTNHRIVV
CSENSLQFFMPVLGALFIGVAVAPANDIYNERELLNSMNISQPTVVFVSKKGLQKILNVQKKLPIIQKIIIMDSKTDYQG
FQSMYTFVTSHLPPGFNEYDFVPESFDRDKTIALIMNSSGSTGLPKGVALPHRTACVRFSHARDPIFGNQIIPDTAILSV
VPFHHGFGMFTTLGYLICGFRVVLMYRFEEELFLRSLQDYKIQTALLVPTLFSFFAKSTLIDKYDLSNLHEIASGGAPLS
KEVGEAVAKRFHLPGIRQGYGLTETTSAILITPEGDDKPGAVGKVVPFFEAKVVDLDTGKTLGVNQRGELCVRGPMIMSG
YVNNPEATNALIDKDGWLHSGDIAYWDEDEHFFIVDRLKSLIKYKGYQVAPAELESILLQHPNIFDAGVAGLPDDDAGEL
PAAVVVLEHGKTMTEKEIVDYVASQVTTAKKLRGGVVFVDEVPKGLTGKLDARKIREILIKAKKGGKSKL
;
_entity_poly.pdbx_strand_id   A,B
#
loop_
_chem_comp.id
_chem_comp.type
_chem_comp.name
_chem_comp.formula
EDO non-polymer 1,2-ETHANEDIOL 'C2 H6 O2'
SLU non-polymer '5'-O-[N-(DEHYDROLUCIFERYL)-SULFAMOYL] ADENOSINE' 'C21 H18 N8 O8 S3'
#
# COMPACT_ATOMS: atom_id res chain seq x y z
N ALA A 4 -2.41 -28.81 9.24
CA ALA A 4 -1.96 -27.75 8.35
C ALA A 4 -2.58 -26.41 8.75
N LYS A 5 -3.79 -26.47 9.33
CA LYS A 5 -4.41 -25.29 9.91
C LYS A 5 -3.55 -24.77 11.06
N ASN A 6 -2.66 -25.61 11.57
CA ASN A 6 -1.79 -25.21 12.67
C ASN A 6 -0.44 -24.68 12.18
N ILE A 7 -0.30 -24.51 10.87
CA ILE A 7 0.82 -23.78 10.30
C ILE A 7 0.37 -22.40 9.88
N LYS A 8 0.89 -21.36 10.51
CA LYS A 8 0.50 -20.02 10.13
C LYS A 8 1.33 -19.55 8.96
N LYS A 9 0.68 -19.04 7.92
CA LYS A 9 1.41 -18.66 6.70
C LYS A 9 1.29 -17.18 6.38
N GLY A 10 2.37 -16.61 5.85
CA GLY A 10 2.35 -15.24 5.38
C GLY A 10 1.48 -15.19 4.12
N PRO A 11 0.85 -14.04 3.85
CA PRO A 11 0.04 -13.90 2.64
C PRO A 11 0.94 -13.60 1.45
N ALA A 12 0.34 -13.45 0.27
CA ALA A 12 1.09 -12.97 -0.88
C ALA A 12 1.61 -11.58 -0.54
N PRO A 13 2.81 -11.26 -1.01
CA PRO A 13 3.40 -9.94 -0.78
C PRO A 13 2.62 -8.82 -1.48
N PHE A 14 2.54 -7.65 -0.84
CA PHE A 14 1.96 -6.47 -1.48
C PHE A 14 2.99 -5.70 -2.33
N TYR A 15 4.25 -6.06 -2.18
CA TYR A 15 5.30 -5.56 -3.06
C TYR A 15 6.14 -6.77 -3.52
N PRO A 16 6.26 -6.97 -4.84
CA PRO A 16 6.88 -8.23 -5.30
C PRO A 16 8.38 -8.30 -5.09
N LEU A 17 8.88 -9.51 -4.94
CA LEU A 17 10.32 -9.78 -4.91
C LEU A 17 10.97 -9.26 -6.19
N GLU A 18 12.14 -8.66 -6.09
CA GLU A 18 12.79 -8.06 -7.25
C GLU A 18 13.97 -8.93 -7.71
N ASP A 19 14.27 -8.90 -9.00
CA ASP A 19 15.41 -9.63 -9.55
C ASP A 19 16.73 -8.96 -9.18
N GLY A 20 17.83 -9.71 -9.28
CA GLY A 20 19.17 -9.16 -9.06
C GLY A 20 19.70 -9.33 -7.63
N THR A 21 21.00 -9.10 -7.46
CA THR A 21 21.64 -9.20 -6.15
C THR A 21 21.13 -8.08 -5.26
N ALA A 22 21.36 -8.16 -3.94
CA ALA A 22 20.96 -7.07 -3.08
C ALA A 22 21.72 -5.82 -3.48
N GLY A 23 23.00 -5.99 -3.83
CA GLY A 23 23.80 -4.87 -4.32
C GLY A 23 23.21 -4.20 -5.55
N GLU A 24 22.69 -5.00 -6.48
CA GLU A 24 22.13 -4.42 -7.69
C GLU A 24 20.86 -3.64 -7.38
N GLN A 25 20.09 -4.13 -6.41
CA GLN A 25 18.80 -3.51 -6.10
C GLN A 25 19.01 -2.19 -5.36
N LEU A 26 19.98 -2.19 -4.46
CA LEU A 26 20.33 -0.97 -3.74
C LEU A 26 20.95 0.07 -4.67
N HIS A 27 21.84 -0.37 -5.54
CA HIS A 27 22.47 0.52 -6.52
C HIS A 27 21.40 1.20 -7.39
N LYS A 28 20.51 0.39 -7.95
CA LYS A 28 19.46 0.90 -8.84
C LYS A 28 18.58 1.93 -8.15
N ALA A 29 18.09 1.61 -6.97
CA ALA A 29 17.22 2.54 -6.26
C ALA A 29 17.98 3.83 -5.90
N MET A 30 19.15 3.68 -5.30
CA MET A 30 19.89 4.84 -4.82
C MET A 30 20.40 5.72 -5.97
N LYS A 31 20.64 5.13 -7.12
CA LYS A 31 20.98 5.92 -8.30
C LYS A 31 19.78 6.78 -8.75
N ARG A 32 18.57 6.22 -8.70
CA ARG A 32 17.36 7.00 -8.98
C ARG A 32 17.22 8.17 -8.03
N TYR A 33 17.39 7.92 -6.73
CA TYR A 33 17.28 8.99 -5.74
C TYR A 33 18.41 10.00 -5.90
N ALA A 34 19.58 9.52 -6.30
CA ALA A 34 20.72 10.39 -6.50
C ALA A 34 20.41 11.48 -7.53
N LEU A 35 19.65 11.12 -8.55
CA LEU A 35 19.32 12.04 -9.65
C LEU A 35 18.18 13.02 -9.33
N VAL A 36 17.60 12.90 -8.15
CA VAL A 36 16.63 13.87 -7.65
C VAL A 36 17.35 14.82 -6.69
N PRO A 37 17.65 16.04 -7.17
CA PRO A 37 18.39 17.02 -6.34
C PRO A 37 17.76 17.23 -4.97
N GLY A 38 18.61 17.22 -3.95
CA GLY A 38 18.18 17.55 -2.60
C GLY A 38 17.60 16.41 -1.78
N THR A 39 17.51 15.21 -2.37
CA THR A 39 17.01 14.07 -1.62
C THR A 39 18.00 13.68 -0.51
N ILE A 40 17.55 13.67 0.73
CA ILE A 40 18.47 13.38 1.84
C ILE A 40 18.43 11.92 2.29
N ALA A 41 19.58 11.23 2.25
CA ALA A 41 19.68 9.85 2.70
C ALA A 41 19.89 9.71 4.22
N PHE A 42 20.87 10.42 4.76
CA PHE A 42 21.12 10.35 6.20
C PHE A 42 21.26 11.74 6.82
N THR A 43 20.89 11.82 8.08
CA THR A 43 21.01 13.03 8.85
C THR A 43 21.52 12.71 10.24
N ASP A 44 22.62 13.36 10.62
CA ASP A 44 23.13 13.23 11.98
C ASP A 44 22.49 14.31 12.80
N ALA A 45 21.54 13.92 13.64
CA ALA A 45 20.77 14.87 14.42
C ALA A 45 21.59 15.51 15.51
N HIS A 46 22.72 14.91 15.87
CA HIS A 46 23.54 15.50 16.92
C HIS A 46 24.32 16.69 16.37
N ILE A 47 24.86 16.56 15.16
CA ILE A 47 25.66 17.63 14.57
C ILE A 47 24.92 18.43 13.49
N GLU A 48 23.65 18.09 13.28
CA GLU A 48 22.83 18.74 12.26
C GLU A 48 23.51 18.80 10.90
N VAL A 49 23.93 17.64 10.42
CA VAL A 49 24.58 17.51 9.13
C VAL A 49 23.79 16.51 8.29
N ASN A 50 23.57 16.86 7.03
CA ASN A 50 22.88 16.00 6.08
C ASN A 50 23.81 15.46 5.03
N ILE A 51 23.48 14.29 4.51
CA ILE A 51 24.13 13.79 3.32
C ILE A 51 23.07 13.31 2.34
N THR A 52 23.16 13.76 1.10
CA THR A 52 22.14 13.47 0.11
C THR A 52 22.38 12.11 -0.49
N TYR A 53 21.36 11.60 -1.17
CA TYR A 53 21.50 10.37 -1.93
C TYR A 53 22.57 10.51 -3.00
N ALA A 54 22.61 11.67 -3.66
CA ALA A 54 23.63 11.88 -4.68
C ALA A 54 25.03 11.71 -4.07
N GLU A 55 25.26 12.35 -2.93
CA GLU A 55 26.55 12.21 -2.24
C GLU A 55 26.79 10.79 -1.74
N TYR A 56 25.77 10.21 -1.12
CA TYR A 56 25.90 8.86 -0.57
C TYR A 56 26.16 7.87 -1.69
N PHE A 57 25.38 8.01 -2.75
CA PHE A 57 25.52 7.14 -3.90
C PHE A 57 26.93 7.26 -4.49
N GLU A 58 27.38 8.50 -4.67
CA GLU A 58 28.65 8.72 -5.32
C GLU A 58 29.81 8.19 -4.48
N MET A 59 29.79 8.43 -3.17
CA MET A 59 30.89 7.94 -2.33
CA MET A 59 30.85 7.96 -2.29
C MET A 59 30.85 6.42 -2.23
N SER A 60 29.66 5.83 -2.20
CA SER A 60 29.58 4.38 -2.08
C SER A 60 30.09 3.69 -3.33
N VAL A 61 29.76 4.25 -4.50
CA VAL A 61 30.21 3.70 -5.76
C VAL A 61 31.74 3.86 -5.87
N ARG A 62 32.28 4.97 -5.36
CA ARG A 62 33.73 5.19 -5.40
C ARG A 62 34.43 4.18 -4.51
N LEU A 63 33.89 3.98 -3.31
CA LEU A 63 34.40 2.97 -2.40
C LEU A 63 34.32 1.58 -3.04
N ALA A 64 33.20 1.29 -3.72
CA ALA A 64 33.06 0.00 -4.41
C ALA A 64 34.14 -0.21 -5.46
N GLU A 65 34.31 0.79 -6.33
CA GLU A 65 35.28 0.65 -7.41
C GLU A 65 36.68 0.51 -6.83
N ALA A 66 36.99 1.36 -5.87
CA ALA A 66 38.29 1.31 -5.23
C ALA A 66 38.53 -0.06 -4.64
N MET A 67 37.56 -0.60 -3.91
CA MET A 67 37.75 -1.92 -3.29
C MET A 67 37.97 -3.00 -4.35
N LYS A 68 37.20 -2.91 -5.43
CA LYS A 68 37.38 -3.82 -6.55
C LYS A 68 38.81 -3.74 -7.13
N ARG A 69 39.30 -2.53 -7.37
CA ARG A 69 40.64 -2.34 -7.92
C ARG A 69 41.72 -2.80 -6.94
N TYR A 70 41.44 -2.67 -5.65
CA TYR A 70 42.33 -3.15 -4.60
C TYR A 70 42.46 -4.68 -4.61
N GLY A 71 41.55 -5.36 -5.32
CA GLY A 71 41.57 -6.80 -5.40
C GLY A 71 40.54 -7.55 -4.54
N LEU A 72 39.59 -6.83 -3.92
CA LEU A 72 38.57 -7.51 -3.11
C LEU A 72 37.47 -8.09 -3.98
N ASN A 73 37.09 -9.33 -3.71
CA ASN A 73 36.07 -9.99 -4.51
C ASN A 73 35.26 -10.92 -3.62
N THR A 74 34.47 -11.81 -4.23
CA THR A 74 33.57 -12.65 -3.43
C THR A 74 34.31 -13.64 -2.51
N ASN A 75 35.62 -13.76 -2.65
CA ASN A 75 36.40 -14.61 -1.73
C ASN A 75 36.80 -13.88 -0.45
N HIS A 76 36.37 -12.63 -0.31
CA HIS A 76 36.87 -11.79 0.77
C HIS A 76 35.77 -11.30 1.67
N ARG A 77 36.16 -10.96 2.89
CA ARG A 77 35.26 -10.33 3.83
C ARG A 77 35.85 -9.02 4.30
N ILE A 78 34.99 -8.03 4.56
CA ILE A 78 35.46 -6.87 5.27
C ILE A 78 34.71 -6.80 6.58
N VAL A 79 35.30 -6.11 7.55
CA VAL A 79 34.59 -5.78 8.77
C VAL A 79 34.22 -4.30 8.75
N VAL A 80 33.06 -4.00 9.32
CA VAL A 80 32.66 -2.63 9.59
C VAL A 80 32.39 -2.53 11.07
N CYS A 81 33.19 -1.71 11.76
CA CYS A 81 33.12 -1.63 13.21
C CYS A 81 32.95 -0.17 13.60
N SER A 82 31.72 0.22 13.90
CA SER A 82 31.43 1.62 14.11
C SER A 82 30.15 1.81 14.86
N GLU A 83 30.10 2.86 15.68
CA GLU A 83 28.85 3.38 16.21
C GLU A 83 28.02 3.89 15.03
N ASN A 84 26.72 4.11 15.24
CA ASN A 84 25.89 4.72 14.22
C ASN A 84 26.46 6.07 13.78
N SER A 85 26.50 6.29 12.48
CA SER A 85 27.08 7.50 11.93
C SER A 85 26.67 7.70 10.49
N LEU A 86 26.95 8.88 9.97
CA LEU A 86 26.74 9.16 8.56
C LEU A 86 27.56 8.26 7.66
N GLN A 87 28.72 7.82 8.15
CA GLN A 87 29.62 7.04 7.31
C GLN A 87 29.34 5.54 7.29
N PHE A 88 28.58 5.06 8.27
CA PHE A 88 28.48 3.63 8.53
C PHE A 88 28.18 2.84 7.26
N PHE A 89 27.18 3.28 6.49
CA PHE A 89 26.72 2.46 5.36
C PHE A 89 27.50 2.61 4.07
N MET A 90 28.51 3.48 4.06
CA MET A 90 29.32 3.61 2.86
C MET A 90 30.11 2.34 2.51
N PRO A 91 30.87 1.76 3.46
CA PRO A 91 31.54 0.50 3.12
C PRO A 91 30.56 -0.66 2.94
N VAL A 92 29.46 -0.63 3.67
CA VAL A 92 28.43 -1.67 3.51
C VAL A 92 27.93 -1.69 2.08
N LEU A 93 27.46 -0.55 1.59
CA LEU A 93 26.93 -0.50 0.21
C LEU A 93 28.02 -0.79 -0.82
N GLY A 94 29.20 -0.21 -0.62
CA GLY A 94 30.32 -0.44 -1.53
C GLY A 94 30.56 -1.93 -1.74
N ALA A 95 30.63 -2.66 -0.63
CA ALA A 95 30.88 -4.10 -0.63
C ALA A 95 29.76 -4.92 -1.28
N LEU A 96 28.52 -4.54 -1.01
CA LEU A 96 27.38 -5.23 -1.62
C LEU A 96 27.34 -5.00 -3.14
N PHE A 97 27.76 -3.81 -3.58
CA PHE A 97 27.85 -3.54 -5.01
C PHE A 97 28.80 -4.47 -5.76
N ILE A 98 29.79 -5.02 -5.05
CA ILE A 98 30.80 -5.83 -5.73
C ILE A 98 30.91 -7.25 -5.17
N GLY A 99 30.01 -7.62 -4.26
CA GLY A 99 29.93 -9.02 -3.86
C GLY A 99 30.88 -9.46 -2.76
N VAL A 100 31.43 -8.48 -2.06
CA VAL A 100 32.30 -8.72 -0.91
C VAL A 100 31.45 -8.82 0.37
N ALA A 101 31.63 -9.91 1.14
CA ALA A 101 30.81 -10.09 2.35
C ALA A 101 31.17 -9.08 3.44
N VAL A 102 30.14 -8.55 4.09
CA VAL A 102 30.28 -7.50 5.11
C VAL A 102 30.00 -8.04 6.50
N ALA A 103 30.98 -7.90 7.41
CA ALA A 103 30.82 -8.38 8.78
C ALA A 103 30.84 -7.24 9.76
N PRO A 104 29.65 -6.74 10.14
CA PRO A 104 29.63 -5.70 11.16
C PRO A 104 30.06 -6.26 12.49
N ALA A 105 30.87 -5.50 13.21
CA ALA A 105 31.33 -5.89 14.53
C ALA A 105 30.89 -4.86 15.54
N ASN A 106 30.13 -5.32 16.54
CA ASN A 106 29.62 -4.47 17.61
C ASN A 106 30.71 -3.55 18.15
N ASP A 107 30.48 -2.23 18.10
CA ASP A 107 31.52 -1.26 18.46
C ASP A 107 31.75 -1.14 19.97
N ILE A 108 30.86 -1.71 20.77
CA ILE A 108 31.09 -1.73 22.21
C ILE A 108 31.48 -3.12 22.74
N TYR A 109 31.70 -4.07 21.82
CA TYR A 109 32.37 -5.33 22.18
C TYR A 109 33.61 -5.05 23.02
N ASN A 110 33.86 -5.86 24.04
CA ASN A 110 35.18 -5.83 24.67
C ASN A 110 36.14 -6.58 23.76
N GLU A 111 37.43 -6.59 24.10
CA GLU A 111 38.44 -7.14 23.20
C GLU A 111 38.25 -8.62 22.94
N ARG A 112 37.86 -9.37 23.97
CA ARG A 112 37.60 -10.80 23.81
C ARG A 112 36.46 -11.05 22.83
N GLU A 113 35.39 -10.28 22.97
CA GLU A 113 34.24 -10.41 22.09
C GLU A 113 34.61 -9.98 20.68
N LEU A 114 35.39 -8.91 20.58
CA LEU A 114 35.76 -8.38 19.28
C LEU A 114 36.65 -9.38 18.56
N LEU A 115 37.65 -9.90 19.28
CA LEU A 115 38.53 -10.91 18.71
C LEU A 115 37.73 -12.13 18.26
N ASN A 116 36.82 -12.60 19.11
CA ASN A 116 35.97 -13.73 18.72
C ASN A 116 35.24 -13.50 17.40
N SER A 117 34.60 -12.35 17.29
CA SER A 117 33.85 -12.01 16.08
C SER A 117 34.71 -11.99 14.83
N MET A 118 35.87 -11.35 14.91
CA MET A 118 36.72 -11.26 13.72
C MET A 118 37.46 -12.57 13.45
N ASN A 119 37.75 -13.32 14.51
CA ASN A 119 38.27 -14.68 14.31
C ASN A 119 37.31 -15.53 13.48
N ILE A 120 36.01 -15.27 13.63
CA ILE A 120 35.02 -15.98 12.86
C ILE A 120 34.91 -15.43 11.44
N SER A 121 34.79 -14.11 11.29
CA SER A 121 34.58 -13.56 9.94
C SER A 121 35.86 -13.50 9.12
N GLN A 122 37.01 -13.51 9.80
CA GLN A 122 38.31 -13.48 9.11
C GLN A 122 38.37 -12.38 8.03
N PRO A 123 38.28 -11.11 8.43
CA PRO A 123 38.29 -10.02 7.45
C PRO A 123 39.69 -9.75 6.88
N THR A 124 39.74 -9.47 5.59
CA THR A 124 40.96 -8.98 4.94
C THR A 124 41.15 -7.48 5.14
N VAL A 125 40.03 -6.77 5.13
CA VAL A 125 40.07 -5.33 5.39
C VAL A 125 39.13 -4.95 6.52
N VAL A 126 39.61 -4.09 7.40
CA VAL A 126 38.80 -3.60 8.51
C VAL A 126 38.49 -2.11 8.37
N PHE A 127 37.20 -1.78 8.24
CA PHE A 127 36.73 -0.39 8.35
C PHE A 127 36.30 -0.15 9.77
N VAL A 128 36.80 0.93 10.35
CA VAL A 128 36.57 1.19 11.76
C VAL A 128 36.50 2.69 12.03
N SER A 129 35.67 3.08 12.99
CA SER A 129 35.58 4.48 13.40
C SER A 129 36.78 4.85 14.28
N LYS A 130 37.01 6.15 14.42
CA LYS A 130 38.04 6.66 15.31
C LYS A 130 37.89 6.02 16.68
N LYS A 131 36.66 5.95 17.15
CA LYS A 131 36.37 5.47 18.49
C LYS A 131 36.71 3.99 18.64
N GLY A 132 36.61 3.21 17.58
CA GLY A 132 36.86 1.79 17.72
C GLY A 132 38.27 1.34 17.35
N LEU A 133 39.06 2.26 16.80
CA LEU A 133 40.35 1.90 16.22
C LEU A 133 41.23 1.13 17.19
N GLN A 134 41.38 1.67 18.40
CA GLN A 134 42.30 1.07 19.35
C GLN A 134 41.96 -0.39 19.68
N LYS A 135 40.67 -0.71 19.81
CA LYS A 135 40.23 -2.09 20.05
C LYS A 135 40.70 -3.00 18.93
N ILE A 136 40.57 -2.52 17.69
CA ILE A 136 41.02 -3.28 16.53
C ILE A 136 42.53 -3.55 16.60
N LEU A 137 43.31 -2.52 16.89
CA LEU A 137 44.76 -2.67 17.01
C LEU A 137 45.11 -3.66 18.11
N ASN A 138 44.41 -3.57 19.24
CA ASN A 138 44.68 -4.42 20.39
C ASN A 138 44.48 -5.90 20.11
N VAL A 139 43.77 -6.26 19.05
CA VAL A 139 43.52 -7.67 18.79
C VAL A 139 44.05 -8.15 17.43
N GLN A 140 44.50 -7.26 16.56
CA GLN A 140 44.82 -7.71 15.21
C GLN A 140 46.07 -8.60 15.16
N LYS A 141 46.90 -8.51 16.19
CA LYS A 141 48.09 -9.37 16.25
C LYS A 141 47.67 -10.84 16.12
N LYS A 142 46.46 -11.14 16.58
CA LYS A 142 45.98 -12.52 16.61
C LYS A 142 45.23 -12.87 15.33
N LEU A 143 45.15 -11.91 14.43
CA LEU A 143 44.34 -12.01 13.21
C LEU A 143 45.13 -11.58 11.98
N PRO A 144 46.15 -12.36 11.61
CA PRO A 144 47.03 -12.05 10.48
C PRO A 144 46.29 -11.99 9.16
N ILE A 145 45.06 -12.50 9.12
CA ILE A 145 44.21 -12.34 7.94
C ILE A 145 44.07 -10.86 7.58
N ILE A 146 44.02 -9.99 8.60
CA ILE A 146 43.84 -8.56 8.35
C ILE A 146 45.04 -7.93 7.63
N GLN A 147 44.83 -7.39 6.44
CA GLN A 147 45.92 -6.79 5.69
C GLN A 147 45.80 -5.27 5.59
N LYS A 148 44.71 -4.72 6.09
CA LYS A 148 44.46 -3.29 5.88
C LYS A 148 43.38 -2.77 6.81
N ILE A 149 43.67 -1.64 7.42
CA ILE A 149 42.76 -0.94 8.30
C ILE A 149 42.49 0.44 7.73
N ILE A 150 41.21 0.80 7.69
CA ILE A 150 40.77 2.08 7.10
C ILE A 150 39.85 2.77 8.09
N ILE A 151 40.04 4.08 8.25
CA ILE A 151 39.28 4.85 9.20
C ILE A 151 38.04 5.45 8.54
N MET A 152 36.88 5.23 9.14
CA MET A 152 35.61 5.60 8.51
C MET A 152 35.25 7.08 8.65
N ASP A 153 35.45 7.65 9.82
CA ASP A 153 34.92 8.98 10.08
C ASP A 153 36.03 10.02 10.22
N SER A 154 36.96 9.97 9.28
CA SER A 154 37.97 11.02 9.11
C SER A 154 38.04 11.34 7.63
N LYS A 155 38.35 12.58 7.28
CA LYS A 155 38.61 12.86 5.87
C LYS A 155 40.09 12.66 5.55
N THR A 156 40.97 13.18 6.39
CA THR A 156 42.40 12.96 6.23
C THR A 156 42.78 11.59 6.77
N ASP A 157 43.99 11.14 6.43
CA ASP A 157 44.63 10.04 7.16
C ASP A 157 44.48 10.30 8.64
N TYR A 158 44.39 9.23 9.42
CA TYR A 158 44.14 9.36 10.84
C TYR A 158 45.00 8.38 11.63
N GLN A 159 45.93 8.94 12.43
CA GLN A 159 46.87 8.13 13.20
C GLN A 159 47.62 7.08 12.36
N GLY A 160 48.02 7.48 11.16
CA GLY A 160 48.81 6.62 10.30
C GLY A 160 48.00 5.70 9.39
N PHE A 161 46.68 5.75 9.51
CA PHE A 161 45.82 4.90 8.68
C PHE A 161 45.08 5.73 7.67
N GLN A 162 44.92 5.19 6.46
CA GLN A 162 44.08 5.87 5.47
C GLN A 162 42.63 5.96 5.94
N SER A 163 41.94 7.01 5.51
CA SER A 163 40.49 7.12 5.70
C SER A 163 39.86 6.57 4.44
N MET A 164 38.54 6.48 4.42
CA MET A 164 37.87 5.98 3.23
C MET A 164 38.15 6.93 2.08
N TYR A 165 38.20 8.21 2.39
CA TYR A 165 38.45 9.19 1.34
CA TYR A 165 38.48 9.24 1.38
C TYR A 165 39.87 9.07 0.75
N THR A 166 40.90 8.94 1.59
CA THR A 166 42.24 8.85 0.99
C THR A 166 42.47 7.48 0.38
N PHE A 167 41.76 6.48 0.89
CA PHE A 167 41.83 5.15 0.32
C PHE A 167 41.32 5.20 -1.11
N VAL A 168 40.16 5.81 -1.28
CA VAL A 168 39.54 5.89 -2.57
C VAL A 168 40.44 6.66 -3.53
N THR A 169 40.98 7.79 -3.07
CA THR A 169 41.78 8.62 -3.94
C THR A 169 43.04 7.89 -4.39
N SER A 170 43.56 6.96 -3.58
CA SER A 170 44.78 6.27 -3.97
C SER A 170 44.52 5.04 -4.87
N HIS A 171 43.26 4.76 -5.18
CA HIS A 171 42.95 3.62 -6.07
C HIS A 171 42.02 3.96 -7.24
N LEU A 172 41.43 5.14 -7.21
CA LEU A 172 40.53 5.56 -8.29
C LEU A 172 41.22 6.49 -9.29
N PRO A 173 40.99 6.26 -10.59
CA PRO A 173 41.29 7.26 -11.62
C PRO A 173 40.55 8.55 -11.34
N PRO A 174 41.20 9.71 -11.50
CA PRO A 174 40.56 11.00 -11.21
C PRO A 174 39.31 11.27 -12.07
N GLY A 175 39.30 10.79 -13.30
CA GLY A 175 38.16 10.98 -14.19
C GLY A 175 37.09 9.91 -14.08
N PHE A 176 37.09 9.18 -12.97
CA PHE A 176 36.10 8.15 -12.74
C PHE A 176 34.68 8.72 -12.68
N ASN A 177 33.77 8.15 -13.47
CA ASN A 177 32.38 8.60 -13.49
C ASN A 177 31.49 7.62 -12.73
N GLU A 178 31.00 8.06 -11.58
CA GLU A 178 30.23 7.20 -10.70
C GLU A 178 28.97 6.67 -11.37
N TYR A 179 28.43 7.43 -12.32
CA TYR A 179 27.13 7.10 -12.91
C TYR A 179 27.27 6.12 -14.08
N ASP A 180 28.49 5.78 -14.44
CA ASP A 180 28.72 4.73 -15.42
C ASP A 180 29.13 3.42 -14.74
N PHE A 181 29.36 3.48 -13.43
CA PHE A 181 29.64 2.26 -12.66
C PHE A 181 28.47 1.29 -12.75
N VAL A 182 28.80 0.02 -12.93
CA VAL A 182 27.85 -1.08 -12.95
C VAL A 182 28.21 -2.07 -11.85
N PRO A 183 27.27 -2.29 -10.91
CA PRO A 183 27.48 -3.25 -9.83
C PRO A 183 27.66 -4.67 -10.35
N GLU A 184 28.37 -5.49 -9.58
CA GLU A 184 28.65 -6.84 -9.99
C GLU A 184 27.40 -7.70 -9.92
N SER A 185 27.23 -8.56 -10.92
CA SER A 185 26.20 -9.59 -10.91
C SER A 185 26.79 -10.93 -10.50
N PHE A 186 26.06 -11.68 -9.69
CA PHE A 186 26.53 -12.98 -9.23
C PHE A 186 25.37 -13.76 -8.66
N ASP A 187 25.61 -15.02 -8.28
CA ASP A 187 24.58 -15.88 -7.72
C ASP A 187 24.14 -15.38 -6.33
N ARG A 188 22.89 -14.97 -6.21
CA ARG A 188 22.50 -14.28 -5.00
C ARG A 188 22.19 -15.27 -3.89
N ASP A 189 21.98 -16.53 -4.28
CA ASP A 189 21.81 -17.60 -3.29
C ASP A 189 23.13 -18.02 -2.65
N LYS A 190 24.19 -18.01 -3.45
CA LYS A 190 25.51 -18.50 -3.00
C LYS A 190 26.40 -17.41 -2.39
N THR A 191 26.26 -16.19 -2.87
CA THR A 191 27.15 -15.12 -2.45
C THR A 191 26.67 -14.48 -1.15
N ILE A 192 27.53 -14.48 -0.15
CA ILE A 192 27.14 -13.95 1.15
C ILE A 192 27.12 -12.41 1.14
N ALA A 193 26.04 -11.82 1.64
CA ALA A 193 25.92 -10.37 1.76
C ALA A 193 26.47 -9.89 3.11
N LEU A 194 25.94 -10.47 4.19
CA LEU A 194 26.32 -10.11 5.55
C LEU A 194 26.76 -11.32 6.35
N ILE A 195 27.71 -11.07 7.25
CA ILE A 195 28.01 -11.99 8.32
C ILE A 195 27.75 -11.26 9.63
N MET A 196 26.61 -11.53 10.26
CA MET A 196 26.18 -10.84 11.48
C MET A 196 26.57 -11.68 12.68
N ASN A 197 26.70 -11.06 13.84
CA ASN A 197 26.92 -11.85 15.03
C ASN A 197 25.64 -12.19 15.77
N SER A 198 25.55 -13.43 16.22
CA SER A 198 24.39 -13.91 16.95
C SER A 198 24.40 -13.37 18.37
N SER A 199 23.31 -13.60 19.09
CA SER A 199 23.23 -13.22 20.50
C SER A 199 24.27 -13.95 21.33
N GLY A 200 24.27 -15.28 21.24
CA GLY A 200 25.13 -16.11 22.06
C GLY A 200 24.55 -16.35 23.45
N SER A 201 23.49 -17.16 23.51
CA SER A 201 23.00 -17.67 24.78
C SER A 201 23.95 -18.77 25.24
N THR A 202 24.33 -19.62 24.30
CA THR A 202 25.26 -20.73 24.54
C THR A 202 26.72 -20.26 24.53
N GLY A 203 26.94 -19.00 24.91
CA GLY A 203 28.30 -18.48 25.03
C GLY A 203 28.69 -17.45 23.99
N LEU A 204 29.86 -17.64 23.38
CA LEU A 204 30.36 -16.70 22.39
C LEU A 204 29.44 -16.63 21.20
N PRO A 205 29.26 -15.42 20.65
CA PRO A 205 28.45 -15.28 19.44
C PRO A 205 29.00 -16.14 18.31
N LYS A 206 28.14 -16.41 17.35
CA LYS A 206 28.55 -17.12 16.15
C LYS A 206 28.49 -16.13 14.99
N GLY A 207 29.02 -16.55 13.84
CA GLY A 207 28.92 -15.74 12.63
C GLY A 207 27.74 -16.21 11.81
N VAL A 208 26.77 -15.32 11.59
CA VAL A 208 25.55 -15.65 10.86
C VAL A 208 25.67 -15.22 9.41
N ALA A 209 25.78 -16.19 8.50
CA ALA A 209 25.95 -15.88 7.07
C ALA A 209 24.61 -15.71 6.37
N LEU A 210 24.45 -14.56 5.71
CA LEU A 210 23.21 -14.20 5.04
C LEU A 210 23.47 -13.94 3.56
N PRO A 211 23.05 -14.88 2.71
CA PRO A 211 23.13 -14.69 1.25
C PRO A 211 22.44 -13.40 0.83
N HIS A 212 22.86 -12.86 -0.31
CA HIS A 212 22.20 -11.68 -0.88
C HIS A 212 20.69 -11.88 -0.98
N ARG A 213 20.26 -13.10 -1.28
CA ARG A 213 18.83 -13.36 -1.41
C ARG A 213 18.04 -12.94 -0.19
N THR A 214 18.58 -13.12 1.02
CA THR A 214 17.79 -12.78 2.18
C THR A 214 17.61 -11.27 2.25
N ALA A 215 18.63 -10.49 1.86
CA ALA A 215 18.42 -9.04 1.80
C ALA A 215 17.36 -8.71 0.74
N CYS A 216 17.41 -9.38 -0.40
CA CYS A 216 16.44 -9.13 -1.47
C CYS A 216 15.01 -9.39 -1.02
N VAL A 217 14.81 -10.44 -0.21
CA VAL A 217 13.50 -10.66 0.37
C VAL A 217 13.14 -9.57 1.39
N ARG A 218 14.10 -9.13 2.18
CA ARG A 218 13.84 -8.00 3.09
C ARG A 218 13.33 -6.78 2.32
N PHE A 219 13.88 -6.55 1.14
CA PHE A 219 13.53 -5.35 0.38
C PHE A 219 12.09 -5.42 -0.13
N SER A 220 11.58 -6.64 -0.29
CA SER A 220 10.17 -6.81 -0.55
C SER A 220 9.37 -6.41 0.67
N HIS A 221 9.69 -7.00 1.82
CA HIS A 221 9.00 -6.61 3.06
C HIS A 221 9.10 -5.11 3.34
N ALA A 222 10.28 -4.54 3.10
CA ALA A 222 10.50 -3.13 3.41
C ALA A 222 9.61 -2.20 2.56
N ARG A 223 9.41 -2.54 1.29
CA ARG A 223 8.63 -1.69 0.39
C ARG A 223 7.16 -2.05 0.42
N ASP A 224 6.83 -3.08 1.19
CA ASP A 224 5.45 -3.58 1.28
C ASP A 224 4.57 -2.61 2.09
N PRO A 225 3.53 -2.04 1.47
CA PRO A 225 2.77 -1.02 2.19
C PRO A 225 2.09 -1.53 3.45
N ILE A 226 1.94 -2.84 3.58
CA ILE A 226 1.23 -3.44 4.71
C ILE A 226 2.21 -4.02 5.75
N PHE A 227 3.28 -4.65 5.29
CA PHE A 227 4.25 -5.25 6.21
C PHE A 227 5.50 -4.39 6.39
N GLY A 228 5.57 -3.28 5.65
CA GLY A 228 6.71 -2.38 5.73
C GLY A 228 6.25 -0.92 5.62
N ASN A 229 6.91 -0.16 4.75
CA ASN A 229 6.58 1.26 4.58
C ASN A 229 6.49 1.59 3.10
N GLN A 230 5.33 2.05 2.65
CA GLN A 230 5.15 2.36 1.24
C GLN A 230 6.10 3.47 0.81
N ILE A 231 6.69 3.35 -0.38
CA ILE A 231 7.55 4.43 -0.86
C ILE A 231 6.69 5.66 -1.15
N ILE A 232 7.01 6.75 -0.44
CA ILE A 232 6.40 8.08 -0.63
C ILE A 232 7.47 9.17 -0.48
N PRO A 233 7.52 10.12 -1.42
CA PRO A 233 8.58 11.14 -1.32
C PRO A 233 8.50 11.93 -0.01
N ASP A 234 9.62 12.52 0.41
CA ASP A 234 9.68 13.35 1.61
C ASP A 234 9.35 12.59 2.89
N THR A 235 9.63 11.30 2.91
CA THR A 235 9.47 10.51 4.11
C THR A 235 10.78 10.48 4.92
N ALA A 236 10.68 10.79 6.20
CA ALA A 236 11.83 10.76 7.08
C ALA A 236 11.58 9.81 8.24
N ILE A 237 12.61 9.03 8.58
CA ILE A 237 12.57 8.11 9.71
C ILE A 237 13.59 8.55 10.75
N LEU A 238 13.24 8.38 12.02
CA LEU A 238 14.21 8.59 13.08
C LEU A 238 14.55 7.26 13.71
N SER A 239 15.76 6.79 13.48
CA SER A 239 16.17 5.48 13.96
C SER A 239 17.19 5.56 15.10
N VAL A 240 16.92 4.83 16.18
CA VAL A 240 17.83 4.81 17.31
C VAL A 240 18.21 3.36 17.62
N VAL A 241 18.39 2.59 16.56
CA VAL A 241 18.73 1.18 16.64
C VAL A 241 20.16 0.97 16.10
N PRO A 242 20.96 0.16 16.78
CA PRO A 242 22.35 -0.12 16.34
C PRO A 242 22.41 -0.65 14.91
N PHE A 243 23.19 0.01 14.07
CA PHE A 243 23.34 -0.40 12.67
C PHE A 243 24.06 -1.77 12.52
N HIS A 244 24.89 -2.16 13.48
CA HIS A 244 25.70 -3.38 13.35
C HIS A 244 24.84 -4.62 13.67
N HIS A 245 23.63 -4.38 14.18
CA HIS A 245 22.71 -5.44 14.59
C HIS A 245 21.69 -5.65 13.48
N GLY A 246 21.14 -6.87 13.37
CA GLY A 246 20.13 -7.17 12.37
C GLY A 246 18.95 -6.20 12.31
N PHE A 247 18.46 -5.79 13.48
CA PHE A 247 17.37 -4.82 13.56
C PHE A 247 17.72 -3.52 12.82
N GLY A 248 18.89 -2.96 13.08
CA GLY A 248 19.30 -1.69 12.47
C GLY A 248 19.83 -1.86 11.05
N MET A 249 20.50 -2.97 10.79
CA MET A 249 21.05 -3.24 9.47
C MET A 249 19.94 -3.34 8.42
N PHE A 250 18.95 -4.18 8.67
CA PHE A 250 18.00 -4.48 7.60
C PHE A 250 16.81 -3.51 7.57
N THR A 251 16.60 -2.75 8.65
CA THR A 251 15.63 -1.66 8.52
C THR A 251 16.25 -0.54 7.71
N THR A 252 17.51 -0.21 8.01
CA THR A 252 18.15 0.91 7.34
C THR A 252 18.37 0.64 5.85
N LEU A 253 18.83 -0.57 5.49
CA LEU A 253 18.97 -0.88 4.06
C LEU A 253 17.60 -0.77 3.36
N GLY A 254 16.54 -1.17 4.05
CA GLY A 254 15.20 -1.02 3.51
C GLY A 254 14.82 0.44 3.29
N TYR A 255 15.11 1.28 4.28
CA TYR A 255 14.83 2.71 4.18
C TYR A 255 15.57 3.34 3.00
N LEU A 256 16.79 2.88 2.74
CA LEU A 256 17.53 3.41 1.59
C LEU A 256 16.91 2.97 0.27
N ILE A 257 16.51 1.70 0.20
CA ILE A 257 15.79 1.19 -0.95
C ILE A 257 14.51 2.01 -1.19
N CYS A 258 13.89 2.48 -0.11
CA CYS A 258 12.68 3.31 -0.19
C CYS A 258 12.92 4.79 -0.44
N GLY A 259 14.19 5.19 -0.48
CA GLY A 259 14.55 6.59 -0.64
C GLY A 259 14.23 7.50 0.54
N PHE A 260 14.03 6.90 1.71
CA PHE A 260 13.72 7.67 2.92
C PHE A 260 14.93 8.47 3.42
N ARG A 261 14.65 9.53 4.18
CA ARG A 261 15.67 10.24 4.94
C ARG A 261 15.84 9.57 6.30
N VAL A 262 17.02 9.01 6.56
CA VAL A 262 17.24 8.34 7.83
C VAL A 262 17.94 9.26 8.81
N VAL A 263 17.21 9.67 9.84
CA VAL A 263 17.76 10.56 10.84
C VAL A 263 18.33 9.70 11.95
N LEU A 264 19.61 9.90 12.27
CA LEU A 264 20.27 9.05 13.25
C LEU A 264 20.83 9.83 14.43
N MET A 265 21.21 9.10 15.48
CA MET A 265 21.87 9.65 16.67
C MET A 265 22.87 8.60 17.18
N TYR A 266 24.08 8.99 17.53
CA TYR A 266 25.05 7.97 17.93
C TYR A 266 24.72 7.49 19.35
N ARG A 267 23.99 8.31 20.10
CA ARG A 267 23.50 7.93 21.43
C ARG A 267 22.18 8.59 21.71
N PHE A 268 21.33 7.94 22.51
CA PHE A 268 20.03 8.49 22.82
C PHE A 268 20.07 9.60 23.85
N GLU A 269 19.32 10.66 23.57
CA GLU A 269 19.05 11.70 24.55
C GLU A 269 17.58 12.08 24.36
N GLU A 270 16.86 12.25 25.46
CA GLU A 270 15.43 12.46 25.36
C GLU A 270 15.07 13.70 24.56
N GLU A 271 15.73 14.82 24.86
CA GLU A 271 15.33 16.08 24.23
C GLU A 271 15.76 16.16 22.77
N LEU A 272 16.96 15.68 22.46
CA LEU A 272 17.44 15.64 21.07
C LEU A 272 16.48 14.80 20.23
N PHE A 273 16.06 13.66 20.78
CA PHE A 273 15.07 12.80 20.12
C PHE A 273 13.76 13.55 19.84
N LEU A 274 13.21 14.20 20.87
CA LEU A 274 11.90 14.84 20.74
C LEU A 274 11.89 16.04 19.79
N ARG A 275 12.93 16.87 19.87
CA ARG A 275 13.05 18.00 18.96
C ARG A 275 13.26 17.52 17.53
N SER A 276 14.05 16.47 17.40
CA SER A 276 14.32 15.89 16.10
C SER A 276 13.03 15.39 15.43
N LEU A 277 12.16 14.74 16.22
CA LEU A 277 10.86 14.31 15.70
C LEU A 277 10.10 15.48 15.10
N GLN A 278 10.15 16.60 15.81
CA GLN A 278 9.46 17.82 15.41
C GLN A 278 10.10 18.45 14.18
N ASP A 279 11.36 18.84 14.31
CA ASP A 279 12.02 19.68 13.31
C ASP A 279 12.24 18.95 12.00
N TYR A 280 12.37 17.62 12.06
CA TYR A 280 12.58 16.86 10.83
C TYR A 280 11.26 16.27 10.30
N LYS A 281 10.15 16.62 10.96
CA LYS A 281 8.83 16.15 10.53
C LYS A 281 8.82 14.63 10.32
N ILE A 282 9.33 13.92 11.33
CA ILE A 282 9.49 12.48 11.28
C ILE A 282 8.15 11.75 11.17
N GLN A 283 8.05 10.83 10.21
CA GLN A 283 6.83 10.04 10.06
C GLN A 283 6.84 8.75 10.86
N THR A 284 8.03 8.15 10.98
CA THR A 284 8.20 6.89 11.70
C THR A 284 9.39 6.98 12.66
N ALA A 285 9.17 6.64 13.93
CA ALA A 285 10.27 6.48 14.86
C ALA A 285 10.51 5.00 15.11
N LEU A 286 11.76 4.57 14.95
CA LEU A 286 12.15 3.20 15.17
C LEU A 286 12.88 3.09 16.49
N LEU A 287 12.25 2.46 17.49
CA LEU A 287 12.81 2.36 18.83
C LEU A 287 13.10 0.92 19.30
N VAL A 288 13.80 0.81 20.42
CA VAL A 288 13.82 -0.42 21.21
C VAL A 288 13.09 -0.15 22.51
N PRO A 289 12.49 -1.19 23.10
CA PRO A 289 11.59 -1.10 24.25
C PRO A 289 12.16 -0.36 25.45
N THR A 290 13.48 -0.45 25.65
CA THR A 290 14.08 0.13 26.84
C THR A 290 13.91 1.65 26.85
N LEU A 291 13.73 2.23 25.67
CA LEU A 291 13.63 3.68 25.57
C LEU A 291 12.23 4.18 25.92
N PHE A 292 11.28 3.24 26.00
CA PHE A 292 9.90 3.62 26.27
C PHE A 292 9.71 4.19 27.67
N SER A 293 10.69 3.98 28.54
CA SER A 293 10.65 4.47 29.91
C SER A 293 10.55 5.99 29.92
N PHE A 294 11.47 6.63 29.19
CA PHE A 294 11.53 8.08 29.12
C PHE A 294 10.23 8.69 28.59
N PHE A 295 9.60 8.01 27.64
CA PHE A 295 8.44 8.58 26.97
C PHE A 295 7.15 8.28 27.72
N ALA A 296 7.19 7.29 28.61
CA ALA A 296 6.00 6.86 29.35
C ALA A 296 5.52 7.94 30.32
N LYS A 297 6.48 8.56 31.01
CA LYS A 297 6.18 9.60 32.00
C LYS A 297 5.85 10.93 31.34
N SER A 298 5.76 10.93 30.01
CA SER A 298 5.43 12.11 29.22
C SER A 298 6.54 13.16 29.34
N THR A 299 6.35 14.11 30.25
CA THR A 299 7.28 15.21 30.46
C THR A 299 7.22 16.22 29.31
N LEU A 300 8.21 16.17 28.44
CA LEU A 300 8.35 17.15 27.38
C LEU A 300 7.40 16.94 26.20
N ILE A 301 6.87 15.73 26.06
CA ILE A 301 6.17 15.33 24.83
C ILE A 301 5.20 16.34 24.25
N ASP A 302 4.14 16.66 24.99
CA ASP A 302 3.03 17.44 24.43
C ASP A 302 3.39 18.89 24.06
N LYS A 303 4.61 19.32 24.43
CA LYS A 303 5.11 20.62 24.00
C LYS A 303 5.28 20.68 22.48
N TYR A 304 6.00 19.70 21.94
CA TYR A 304 6.40 19.67 20.54
C TYR A 304 5.26 19.41 19.55
N ASP A 305 5.46 19.83 18.31
CA ASP A 305 4.51 19.54 17.23
C ASP A 305 4.88 18.23 16.54
N LEU A 306 4.22 17.16 16.94
CA LEU A 306 4.43 15.83 16.37
C LEU A 306 3.30 15.50 15.42
N SER A 307 2.78 16.54 14.77
CA SER A 307 1.69 16.43 13.82
C SER A 307 1.96 15.35 12.78
N ASN A 308 3.21 15.22 12.36
CA ASN A 308 3.55 14.33 11.25
C ASN A 308 3.90 12.88 11.63
N LEU A 309 4.06 12.62 12.93
CA LEU A 309 4.36 11.27 13.37
C LEU A 309 3.18 10.32 13.10
N HIS A 310 3.38 9.37 12.18
CA HIS A 310 2.38 8.34 11.84
C HIS A 310 2.51 7.09 12.71
N GLU A 311 3.74 6.68 13.01
CA GLU A 311 3.93 5.45 13.76
C GLU A 311 5.20 5.45 14.59
N ILE A 312 5.14 4.73 15.69
CA ILE A 312 6.34 4.34 16.41
C ILE A 312 6.48 2.83 16.30
N ALA A 313 7.64 2.36 15.89
CA ALA A 313 7.85 0.92 15.73
C ALA A 313 8.88 0.41 16.73
N SER A 314 8.58 -0.70 17.38
CA SER A 314 9.52 -1.32 18.31
C SER A 314 9.91 -2.73 17.84
N GLY A 315 11.07 -3.19 18.28
CA GLY A 315 11.48 -4.55 18.01
C GLY A 315 12.66 -4.97 18.88
N GLY A 316 13.07 -6.24 18.74
CA GLY A 316 14.33 -6.69 19.32
C GLY A 316 14.24 -7.14 20.77
N ALA A 317 13.13 -6.84 21.43
CA ALA A 317 12.93 -7.24 22.83
C ALA A 317 11.47 -7.11 23.17
N PRO A 318 11.05 -7.71 24.30
CA PRO A 318 9.64 -7.61 24.72
C PRO A 318 9.22 -6.18 25.02
N LEU A 319 7.99 -5.82 24.64
CA LEU A 319 7.39 -4.56 25.07
C LEU A 319 6.13 -4.89 25.84
N SER A 320 6.07 -4.47 27.11
CA SER A 320 4.87 -4.72 27.90
C SER A 320 3.67 -4.05 27.24
N LYS A 321 2.53 -4.74 27.25
CA LYS A 321 1.31 -4.22 26.66
C LYS A 321 0.93 -2.87 27.28
N GLU A 322 1.08 -2.80 28.60
CA GLU A 322 0.73 -1.60 29.37
C GLU A 322 1.53 -0.39 28.92
N VAL A 323 2.85 -0.53 28.92
CA VAL A 323 3.71 0.59 28.54
C VAL A 323 3.43 0.99 27.10
N GLY A 324 3.40 0.01 26.21
CA GLY A 324 3.07 0.26 24.82
C GLY A 324 1.79 1.06 24.64
N GLU A 325 0.71 0.60 25.28
CA GLU A 325 -0.55 1.32 25.21
C GLU A 325 -0.44 2.73 25.79
N ALA A 326 0.26 2.85 26.91
CA ALA A 326 0.49 4.13 27.55
C ALA A 326 1.23 5.10 26.62
N VAL A 327 2.31 4.62 26.00
CA VAL A 327 3.15 5.50 25.20
C VAL A 327 2.43 5.89 23.92
N ALA A 328 1.70 4.95 23.35
CA ALA A 328 0.92 5.22 22.15
C ALA A 328 -0.09 6.33 22.41
N LYS A 329 -0.77 6.25 23.56
CA LYS A 329 -1.76 7.25 23.94
C LYS A 329 -1.14 8.64 23.99
N ARG A 330 -0.01 8.77 24.67
CA ARG A 330 0.68 10.04 24.77
C ARG A 330 1.05 10.60 23.41
N PHE A 331 1.56 9.76 22.52
CA PHE A 331 1.89 10.21 21.18
C PHE A 331 0.70 10.30 20.22
N HIS A 332 -0.50 10.07 20.75
CA HIS A 332 -1.72 10.14 19.92
C HIS A 332 -1.66 9.20 18.73
N LEU A 333 -1.25 7.97 19.01
CA LEU A 333 -1.19 6.90 18.03
C LEU A 333 -2.12 5.79 18.47
N PRO A 334 -2.69 5.06 17.50
CA PRO A 334 -3.56 3.92 17.77
C PRO A 334 -2.85 2.80 18.54
N GLY A 335 -1.54 2.65 18.34
CA GLY A 335 -0.79 1.63 19.04
C GLY A 335 0.68 1.69 18.67
N ILE A 336 1.44 0.68 19.10
CA ILE A 336 2.86 0.59 18.73
C ILE A 336 3.04 -0.54 17.71
N ARG A 337 3.64 -0.21 16.57
CA ARG A 337 3.96 -1.22 15.59
C ARG A 337 5.12 -2.10 16.10
N GLN A 338 4.97 -3.42 15.96
CA GLN A 338 5.97 -4.37 16.44
C GLN A 338 6.59 -5.11 15.29
N GLY A 339 7.83 -5.54 15.49
CA GLY A 339 8.43 -6.55 14.65
C GLY A 339 9.23 -7.49 15.51
N TYR A 340 9.16 -8.78 15.21
CA TYR A 340 9.93 -9.80 15.90
C TYR A 340 10.80 -10.52 14.88
N GLY A 341 12.07 -10.67 15.22
CA GLY A 341 12.98 -11.45 14.39
C GLY A 341 14.20 -11.90 15.17
N LEU A 342 15.08 -12.67 14.53
CA LEU A 342 16.38 -13.02 15.11
C LEU A 342 17.47 -12.73 14.08
N THR A 343 18.70 -12.57 14.55
CA THR A 343 19.80 -12.34 13.64
C THR A 343 19.80 -13.41 12.53
N GLU A 344 19.49 -14.63 12.95
CA GLU A 344 19.47 -15.79 12.08
C GLU A 344 18.27 -15.82 11.11
N THR A 345 17.29 -14.93 11.29
CA THR A 345 16.21 -14.82 10.30
C THR A 345 16.37 -13.57 9.44
N THR A 346 17.57 -12.98 9.48
CA THR A 346 17.89 -11.74 8.78
C THR A 346 17.17 -10.52 9.36
N SER A 347 15.83 -10.51 9.28
CA SER A 347 15.04 -9.36 9.73
C SER A 347 13.79 -9.87 10.44
N ALA A 348 12.79 -9.01 10.67
CA ALA A 348 11.57 -9.43 11.36
C ALA A 348 10.76 -10.38 10.48
N ILE A 349 10.26 -11.48 11.04
CA ILE A 349 9.41 -12.38 10.25
C ILE A 349 8.03 -12.48 10.86
N LEU A 350 7.85 -11.81 12.00
CA LEU A 350 6.53 -11.47 12.50
C LEU A 350 6.45 -9.94 12.59
N ILE A 351 5.48 -9.37 11.89
CA ILE A 351 5.31 -7.93 11.87
C ILE A 351 3.81 -7.59 12.01
N THR A 352 3.52 -6.54 12.79
CA THR A 352 2.19 -5.97 12.87
C THR A 352 1.74 -5.42 11.51
N PRO A 353 0.78 -6.07 10.86
CA PRO A 353 0.40 -5.47 9.57
C PRO A 353 -0.33 -4.14 9.78
N GLU A 354 -0.14 -3.17 8.87
CA GLU A 354 -0.91 -1.93 8.92
C GLU A 354 -2.40 -2.26 8.98
N GLY A 355 -3.08 -1.70 9.97
CA GLY A 355 -4.53 -1.85 10.10
C GLY A 355 -4.95 -3.19 10.64
N ASP A 356 -4.02 -3.94 11.22
CA ASP A 356 -4.36 -5.26 11.75
C ASP A 356 -3.68 -5.38 13.09
N ASP A 357 -3.89 -4.38 13.93
CA ASP A 357 -3.18 -4.30 15.21
C ASP A 357 -3.95 -5.04 16.31
N LYS A 358 -3.20 -5.53 17.28
CA LYS A 358 -3.75 -6.18 18.46
C LYS A 358 -2.73 -6.01 19.57
N PRO A 359 -3.10 -5.22 20.60
CA PRO A 359 -2.24 -4.87 21.74
C PRO A 359 -1.58 -6.11 22.34
N GLY A 360 -0.27 -6.07 22.53
CA GLY A 360 0.44 -7.18 23.11
C GLY A 360 1.06 -8.12 22.08
N ALA A 361 0.46 -8.21 20.90
CA ALA A 361 0.97 -9.11 19.86
C ALA A 361 2.21 -8.55 19.16
N VAL A 362 3.09 -9.41 18.68
CA VAL A 362 4.23 -8.93 17.91
C VAL A 362 3.88 -8.91 16.41
N GLY A 363 2.68 -9.36 16.08
CA GLY A 363 2.22 -9.26 14.70
C GLY A 363 1.86 -10.57 14.05
N LYS A 364 1.94 -10.58 12.71
CA LYS A 364 1.60 -11.76 11.92
C LYS A 364 2.73 -12.18 11.00
N VAL A 365 2.70 -13.43 10.57
CA VAL A 365 3.74 -13.98 9.71
C VAL A 365 3.84 -13.15 8.42
N VAL A 366 5.07 -12.78 8.07
CA VAL A 366 5.32 -12.00 6.86
C VAL A 366 5.21 -12.85 5.61
N PRO A 367 4.98 -12.20 4.46
CA PRO A 367 4.98 -12.90 3.19
C PRO A 367 6.25 -13.75 2.99
N PHE A 368 6.08 -14.89 2.30
CA PHE A 368 7.14 -15.86 2.04
C PHE A 368 7.45 -16.74 3.24
N PHE A 369 6.92 -16.42 4.42
CA PHE A 369 7.27 -17.22 5.59
C PHE A 369 6.13 -18.09 6.13
N GLU A 370 6.50 -19.06 6.96
CA GLU A 370 5.56 -19.84 7.74
C GLU A 370 6.04 -19.86 9.18
N ALA A 371 5.12 -20.10 10.11
CA ALA A 371 5.45 -20.20 11.50
C ALA A 371 4.57 -21.24 12.17
N LYS A 372 5.10 -21.84 13.23
CA LYS A 372 4.38 -22.82 14.03
C LYS A 372 4.96 -22.79 15.43
N VAL A 373 4.28 -23.46 16.34
CA VAL A 373 4.71 -23.56 17.72
C VAL A 373 4.68 -25.05 18.04
N VAL A 374 5.73 -25.56 18.70
CA VAL A 374 5.84 -27.00 18.92
C VAL A 374 6.01 -27.38 20.39
N ASP A 375 5.59 -28.59 20.68
CA ASP A 375 5.77 -29.20 21.99
C ASP A 375 7.28 -29.33 22.27
N LEU A 376 7.72 -28.96 23.48
CA LEU A 376 9.16 -29.02 23.80
C LEU A 376 9.68 -30.46 23.94
N ASP A 377 8.78 -31.35 24.33
CA ASP A 377 9.16 -32.73 24.64
C ASP A 377 9.15 -33.67 23.45
N THR A 378 8.16 -33.51 22.57
CA THR A 378 8.01 -34.41 21.43
C THR A 378 8.11 -33.72 20.07
N GLY A 379 8.10 -32.38 20.04
CA GLY A 379 8.24 -31.65 18.79
C GLY A 379 6.95 -31.53 18.00
N LYS A 380 5.86 -31.99 18.58
CA LYS A 380 4.56 -31.97 17.88
C LYS A 380 4.07 -30.55 17.62
N THR A 381 3.48 -30.33 16.45
CA THR A 381 2.89 -29.03 16.15
C THR A 381 1.67 -28.78 17.05
N LEU A 382 1.63 -27.62 17.69
CA LEU A 382 0.52 -27.31 18.59
C LEU A 382 -0.54 -26.46 17.92
N GLY A 383 -1.70 -26.35 18.56
CA GLY A 383 -2.82 -25.59 17.99
C GLY A 383 -2.97 -24.22 18.61
N VAL A 384 -4.14 -23.63 18.39
CA VAL A 384 -4.36 -22.25 18.77
C VAL A 384 -4.32 -22.08 20.30
N ASN A 385 -3.68 -20.99 20.74
CA ASN A 385 -3.54 -20.65 22.14
C ASN A 385 -2.62 -21.56 22.94
N GLN A 386 -1.97 -22.50 22.27
CA GLN A 386 -1.10 -23.42 22.98
C GLN A 386 0.35 -22.96 22.90
N ARG A 387 0.94 -22.74 24.06
CA ARG A 387 2.30 -22.20 24.11
C ARG A 387 3.31 -23.30 23.86
N GLY A 388 4.29 -22.99 23.02
CA GLY A 388 5.41 -23.89 22.74
C GLY A 388 6.53 -23.11 22.11
N GLU A 389 7.53 -23.81 21.57
CA GLU A 389 8.64 -23.14 20.93
C GLU A 389 8.26 -22.66 19.54
N LEU A 390 8.53 -21.39 19.29
CA LEU A 390 8.26 -20.78 18.00
C LEU A 390 9.28 -21.21 16.97
N CYS A 391 8.80 -21.74 15.86
CA CYS A 391 9.67 -22.13 14.76
C CYS A 391 9.22 -21.38 13.53
N VAL A 392 10.17 -20.96 12.70
CA VAL A 392 9.81 -20.23 11.50
C VAL A 392 10.66 -20.72 10.36
N ARG A 393 10.12 -20.63 9.15
CA ARG A 393 10.88 -20.99 7.96
C ARG A 393 10.47 -20.12 6.79
N GLY A 394 11.44 -19.83 5.92
CA GLY A 394 11.23 -18.91 4.83
C GLY A 394 12.58 -18.53 4.26
N PRO A 395 12.60 -17.76 3.15
CA PRO A 395 13.85 -17.49 2.42
C PRO A 395 14.74 -16.37 3.03
N MET A 396 14.46 -15.92 4.24
CA MET A 396 15.41 -15.06 4.94
C MET A 396 16.21 -15.83 6.00
N ILE A 397 15.94 -17.12 6.15
CA ILE A 397 16.71 -17.91 7.12
C ILE A 397 18.15 -17.97 6.63
N MET A 398 19.09 -17.87 7.57
CA MET A 398 20.52 -17.83 7.27
C MET A 398 20.94 -19.09 6.52
N SER A 399 21.98 -18.99 5.70
CA SER A 399 22.49 -20.18 5.03
C SER A 399 23.25 -21.04 6.04
N GLY A 400 23.69 -20.44 7.15
CA GLY A 400 24.36 -21.20 8.18
C GLY A 400 25.27 -20.38 9.06
N TYR A 401 25.66 -20.94 10.20
CA TYR A 401 26.69 -20.33 11.04
C TYR A 401 28.04 -20.55 10.41
N VAL A 402 28.86 -19.51 10.32
CA VAL A 402 30.14 -19.63 9.64
C VAL A 402 31.04 -20.65 10.32
N ASN A 403 31.53 -21.60 9.52
CA ASN A 403 32.39 -22.67 10.01
C ASN A 403 31.85 -23.36 11.25
N ASN A 404 30.52 -23.49 11.33
CA ASN A 404 29.94 -24.19 12.47
C ASN A 404 28.69 -24.94 12.04
N PRO A 405 28.89 -26.00 11.25
CA PRO A 405 27.78 -26.78 10.69
C PRO A 405 26.97 -27.46 11.78
N GLU A 406 27.61 -27.90 12.85
CA GLU A 406 26.89 -28.48 13.97
C GLU A 406 25.86 -27.51 14.59
N ALA A 407 26.27 -26.27 14.85
CA ALA A 407 25.34 -25.34 15.45
C ALA A 407 24.22 -25.01 14.45
N THR A 408 24.58 -24.96 13.17
CA THR A 408 23.60 -24.72 12.11
C THR A 408 22.51 -25.78 12.13
N ASN A 409 22.93 -27.04 12.10
CA ASN A 409 21.97 -28.14 12.17
C ASN A 409 21.20 -28.22 13.48
N ALA A 410 21.81 -27.75 14.56
CA ALA A 410 21.10 -27.73 15.83
C ALA A 410 19.97 -26.70 15.81
N LEU A 411 20.07 -25.70 14.94
CA LEU A 411 19.10 -24.60 14.94
C LEU A 411 18.01 -24.83 13.91
N ILE A 412 18.41 -25.33 12.74
CA ILE A 412 17.55 -25.44 11.58
C ILE A 412 17.37 -26.89 11.13
N ASP A 413 16.15 -27.41 11.19
CA ASP A 413 15.96 -28.82 10.86
C ASP A 413 15.84 -29.04 9.35
N LYS A 414 15.56 -30.28 8.97
CA LYS A 414 15.61 -30.73 7.58
C LYS A 414 14.52 -30.10 6.70
N ASP A 415 13.39 -29.74 7.31
CA ASP A 415 12.34 -29.03 6.58
C ASP A 415 12.55 -27.51 6.53
N GLY A 416 13.68 -27.03 7.06
CA GLY A 416 13.99 -25.60 7.04
C GLY A 416 13.45 -24.80 8.20
N TRP A 417 12.88 -25.47 9.18
CA TRP A 417 12.37 -24.78 10.34
C TRP A 417 13.52 -24.35 11.24
N LEU A 418 13.53 -23.06 11.55
CA LEU A 418 14.44 -22.50 12.53
C LEU A 418 13.77 -22.55 13.89
N HIS A 419 14.49 -23.09 14.86
CA HIS A 419 13.99 -23.22 16.23
C HIS A 419 14.48 -22.05 17.05
N SER A 420 13.58 -21.13 17.41
CA SER A 420 13.95 -19.83 17.93
C SER A 420 14.43 -19.79 19.37
N GLY A 421 14.04 -20.79 20.15
CA GLY A 421 14.26 -20.77 21.59
C GLY A 421 13.31 -19.85 22.34
N ASP A 422 12.32 -19.30 21.64
CA ASP A 422 11.28 -18.48 22.26
C ASP A 422 10.01 -19.28 22.48
N ILE A 423 9.35 -19.05 23.61
CA ILE A 423 8.01 -19.59 23.81
C ILE A 423 6.97 -18.55 23.32
N ALA A 424 6.03 -19.02 22.51
CA ALA A 424 5.06 -18.18 21.83
C ALA A 424 3.75 -18.91 21.69
N TYR A 425 2.70 -18.18 21.31
CA TYR A 425 1.45 -18.80 20.85
C TYR A 425 0.81 -17.88 19.82
N TRP A 426 -0.14 -18.41 19.05
CA TRP A 426 -0.90 -17.62 18.11
C TRP A 426 -2.38 -17.77 18.43
N ASP A 427 -3.19 -16.80 18.01
CA ASP A 427 -4.61 -16.81 18.38
C ASP A 427 -5.54 -17.07 17.18
N GLU A 428 -6.84 -16.96 17.43
CA GLU A 428 -7.86 -17.28 16.45
CA GLU A 428 -7.83 -17.32 16.43
C GLU A 428 -7.73 -16.42 15.19
N ASP A 429 -7.11 -15.26 15.31
CA ASP A 429 -6.90 -14.41 14.12
C ASP A 429 -5.47 -14.45 13.56
N GLU A 430 -4.65 -15.37 14.08
CA GLU A 430 -3.26 -15.57 13.61
C GLU A 430 -2.29 -14.48 14.08
N HIS A 431 -2.65 -13.78 15.16
CA HIS A 431 -1.71 -12.91 15.84
C HIS A 431 -0.77 -13.75 16.70
N PHE A 432 0.52 -13.43 16.68
CA PHE A 432 1.47 -14.11 17.55
C PHE A 432 1.83 -13.32 18.81
N PHE A 433 1.97 -14.03 19.92
CA PHE A 433 2.41 -13.47 21.18
C PHE A 433 3.68 -14.15 21.67
N ILE A 434 4.69 -13.37 22.04
CA ILE A 434 5.92 -13.92 22.60
C ILE A 434 5.81 -13.92 24.11
N VAL A 435 5.96 -15.10 24.73
CA VAL A 435 5.86 -15.21 26.17
C VAL A 435 7.19 -14.83 26.80
N ASP A 436 8.25 -15.48 26.33
CA ASP A 436 9.61 -15.15 26.74
C ASP A 436 10.56 -16.11 26.07
N ARG A 437 11.86 -15.89 26.29
CA ARG A 437 12.88 -16.89 25.98
CA ARG A 437 12.83 -16.92 25.92
C ARG A 437 12.60 -18.11 26.85
N LEU A 438 12.64 -19.29 26.27
CA LEU A 438 12.46 -20.51 27.04
C LEU A 438 13.44 -20.57 28.22
N LYS A 439 14.71 -20.23 27.97
CA LYS A 439 15.73 -20.28 29.02
C LYS A 439 15.47 -19.24 30.12
N SER A 440 14.61 -18.26 29.85
CA SER A 440 14.28 -17.24 30.85
C SER A 440 13.14 -17.67 31.78
N LEU A 441 12.35 -18.65 31.35
CA LEU A 441 11.19 -19.07 32.13
C LEU A 441 11.63 -19.71 33.45
N ILE A 442 10.84 -19.49 34.49
CA ILE A 442 11.12 -20.01 35.81
C ILE A 442 10.20 -21.19 36.10
N LYS A 443 10.74 -22.28 36.63
CA LYS A 443 9.94 -23.44 37.00
C LYS A 443 10.00 -23.72 38.50
N TYR A 444 8.95 -23.29 39.21
CA TYR A 444 8.83 -23.57 40.64
C TYR A 444 8.00 -24.82 40.87
N LYS A 445 8.65 -25.87 41.37
CA LYS A 445 7.98 -27.12 41.67
C LYS A 445 7.09 -27.58 40.51
N GLY A 446 7.63 -27.50 39.30
CA GLY A 446 6.93 -27.96 38.11
C GLY A 446 6.07 -26.91 37.41
N TYR A 447 5.77 -25.81 38.07
CA TYR A 447 4.94 -24.79 37.46
C TYR A 447 5.71 -23.68 36.83
N GLN A 448 5.27 -23.27 35.66
CA GLN A 448 5.92 -22.24 34.89
C GLN A 448 5.65 -20.86 35.38
N VAL A 449 6.70 -20.09 35.49
CA VAL A 449 6.60 -18.70 35.91
C VAL A 449 7.30 -17.79 34.91
N ALA A 450 6.54 -16.91 34.27
CA ALA A 450 7.09 -15.98 33.30
C ALA A 450 7.47 -14.64 33.93
N PRO A 451 8.76 -14.31 33.92
CA PRO A 451 9.33 -13.07 34.49
C PRO A 451 8.57 -11.79 34.12
N ALA A 452 8.07 -11.71 32.89
CA ALA A 452 7.35 -10.52 32.41
C ALA A 452 6.11 -10.19 33.27
N GLU A 453 5.41 -11.21 33.73
CA GLU A 453 4.22 -10.98 34.55
C GLU A 453 4.60 -10.43 35.92
N LEU A 454 5.69 -10.94 36.48
CA LEU A 454 6.15 -10.46 37.77
C LEU A 454 6.79 -9.08 37.62
N GLU A 455 7.49 -8.87 36.50
CA GLU A 455 8.08 -7.56 36.22
C GLU A 455 7.01 -6.48 36.05
N SER A 456 6.00 -6.76 35.22
CA SER A 456 4.91 -5.80 35.01
C SER A 456 4.20 -5.49 36.33
N ILE A 457 4.13 -6.48 37.20
CA ILE A 457 3.54 -6.32 38.53
C ILE A 457 4.40 -5.47 39.48
N LEU A 458 5.72 -5.65 39.41
CA LEU A 458 6.66 -4.86 40.18
C LEU A 458 6.75 -3.42 39.67
N LEU A 459 6.50 -3.24 38.36
CA LEU A 459 6.53 -1.92 37.75
C LEU A 459 5.34 -1.08 38.18
N GLN A 460 4.31 -1.75 38.68
CA GLN A 460 3.10 -1.09 39.13
C GLN A 460 3.35 -0.28 40.42
N HIS A 461 4.35 -0.68 41.19
CA HIS A 461 4.63 -0.01 42.46
C HIS A 461 5.34 1.32 42.23
N PRO A 462 4.80 2.40 42.81
CA PRO A 462 5.36 3.74 42.71
C PRO A 462 6.70 3.86 43.45
N PHE A 465 11.13 1.82 39.88
CA PHE A 465 11.39 2.38 38.56
C PHE A 465 11.65 1.29 37.53
N ASP A 466 12.57 0.37 37.83
CA ASP A 466 12.87 -0.74 36.94
C ASP A 466 13.07 -2.04 37.73
N ALA A 467 12.98 -3.18 37.06
CA ALA A 467 13.15 -4.47 37.71
C ALA A 467 13.38 -5.62 36.72
N GLY A 468 14.04 -6.68 37.19
CA GLY A 468 14.28 -7.87 36.41
C GLY A 468 14.03 -9.09 37.26
N VAL A 469 13.30 -10.06 36.71
CA VAL A 469 12.91 -11.25 37.48
C VAL A 469 13.64 -12.49 36.98
N ALA A 470 14.18 -13.28 37.93
CA ALA A 470 14.90 -14.48 37.57
C ALA A 470 14.68 -15.60 38.58
N GLY A 471 15.14 -16.79 38.24
CA GLY A 471 14.97 -17.93 39.12
C GLY A 471 16.16 -18.21 40.03
N LEU A 472 16.02 -17.87 41.31
CA LEU A 472 16.98 -18.29 42.31
C LEU A 472 16.85 -19.79 42.54
N PRO A 473 17.93 -20.54 42.25
CA PRO A 473 17.89 -22.00 42.37
C PRO A 473 17.48 -22.46 43.77
N ASP A 474 16.89 -23.66 43.84
CA ASP A 474 16.53 -24.27 45.10
C ASP A 474 17.20 -25.63 45.16
N ASP A 475 16.46 -26.63 45.60
CA ASP A 475 16.94 -28.00 45.67
C ASP A 475 15.73 -28.90 45.69
N ASP A 476 14.63 -28.34 46.22
CA ASP A 476 13.34 -29.02 46.19
C ASP A 476 12.44 -28.42 45.11
N ALA A 477 12.37 -27.09 45.08
CA ALA A 477 11.51 -26.39 44.13
C ALA A 477 12.13 -26.27 42.74
N GLY A 478 13.44 -26.43 42.66
CA GLY A 478 14.17 -26.20 41.42
C GLY A 478 14.56 -24.74 41.27
N GLU A 479 13.58 -23.85 41.34
CA GLU A 479 13.82 -22.42 41.29
C GLU A 479 12.77 -21.66 42.09
N LEU A 480 13.16 -20.54 42.68
CA LEU A 480 12.22 -19.65 43.34
C LEU A 480 12.24 -18.29 42.68
N PRO A 481 11.06 -17.79 42.29
CA PRO A 481 10.95 -16.47 41.65
C PRO A 481 11.62 -15.38 42.49
N ALA A 482 12.59 -14.68 41.90
CA ALA A 482 13.28 -13.59 42.58
C ALA A 482 13.44 -12.39 41.64
N ALA A 483 13.78 -11.23 42.21
CA ALA A 483 13.89 -10.02 41.41
C ALA A 483 15.02 -9.09 41.87
N VAL A 484 15.75 -8.52 40.91
CA VAL A 484 16.56 -7.35 41.18
C VAL A 484 15.70 -6.13 40.88
N VAL A 485 15.80 -5.11 41.71
CA VAL A 485 14.93 -3.95 41.53
C VAL A 485 15.67 -2.62 41.69
N VAL A 486 15.52 -1.78 40.68
CA VAL A 486 15.96 -0.39 40.73
C VAL A 486 14.85 0.44 41.36
N LEU A 487 15.14 1.05 42.51
CA LEU A 487 14.12 1.81 43.22
C LEU A 487 13.98 3.22 42.64
N GLU A 488 12.81 3.83 42.89
CA GLU A 488 12.54 5.20 42.44
C GLU A 488 12.75 6.21 43.57
N GLU A 495 12.40 -4.96 50.84
CA GLU A 495 12.26 -6.29 50.26
C GLU A 495 10.91 -6.91 50.62
N LYS A 496 10.69 -7.14 51.92
CA LYS A 496 9.45 -7.75 52.39
C LYS A 496 8.24 -6.90 51.99
N GLU A 497 8.45 -5.59 51.89
CA GLU A 497 7.42 -4.68 51.43
C GLU A 497 7.06 -5.00 49.98
N ILE A 498 8.06 -5.38 49.20
CA ILE A 498 7.85 -5.76 47.79
C ILE A 498 7.24 -7.17 47.70
N VAL A 499 7.87 -8.12 48.37
CA VAL A 499 7.43 -9.52 48.41
C VAL A 499 5.97 -9.68 48.80
N ASP A 500 5.56 -9.02 49.87
CA ASP A 500 4.18 -9.11 50.34
C ASP A 500 3.24 -8.38 49.38
N TYR A 501 3.75 -7.35 48.72
CA TYR A 501 2.97 -6.64 47.71
C TYR A 501 2.69 -7.54 46.51
N VAL A 502 3.72 -8.25 46.06
CA VAL A 502 3.58 -9.18 44.96
C VAL A 502 2.59 -10.29 45.31
N ALA A 503 2.80 -10.93 46.45
CA ALA A 503 1.96 -12.03 46.91
C ALA A 503 0.47 -11.65 46.97
N SER A 504 0.20 -10.35 46.96
CA SER A 504 -1.16 -9.84 47.01
C SER A 504 -1.72 -9.58 45.61
N GLN A 505 -0.88 -9.78 44.60
CA GLN A 505 -1.29 -9.50 43.22
C GLN A 505 -1.32 -10.77 42.35
N VAL A 506 -0.59 -11.80 42.76
CA VAL A 506 -0.50 -13.03 41.99
C VAL A 506 -0.98 -14.26 42.75
N THR A 507 -1.04 -15.39 42.05
CA THR A 507 -1.39 -16.65 42.68
C THR A 507 -0.18 -17.24 43.39
N THR A 508 -0.44 -18.18 44.29
CA THR A 508 0.59 -18.70 45.18
C THR A 508 1.84 -19.25 44.48
N ALA A 509 1.63 -19.90 43.34
CA ALA A 509 2.73 -20.57 42.64
C ALA A 509 3.78 -19.58 42.15
N LYS A 510 3.35 -18.36 41.86
CA LYS A 510 4.25 -17.36 41.30
C LYS A 510 4.48 -16.20 42.25
N LYS A 511 4.65 -16.52 43.53
CA LYS A 511 4.99 -15.52 44.54
C LYS A 511 6.51 -15.36 44.59
N LEU A 512 6.96 -14.19 45.04
CA LEU A 512 8.39 -13.84 45.02
C LEU A 512 9.15 -14.46 46.19
N ARG A 513 9.14 -15.79 46.25
CA ARG A 513 9.84 -16.55 47.29
C ARG A 513 11.35 -16.44 47.16
N GLY A 514 11.82 -16.07 45.98
CA GLY A 514 13.24 -15.92 45.75
C GLY A 514 13.83 -14.76 46.52
N GLY A 515 13.02 -13.74 46.75
CA GLY A 515 13.47 -12.57 47.48
C GLY A 515 13.71 -11.39 46.55
N VAL A 516 14.36 -10.36 47.07
CA VAL A 516 14.73 -9.20 46.26
C VAL A 516 16.20 -8.83 46.49
N VAL A 517 16.82 -8.27 45.45
CA VAL A 517 18.17 -7.73 45.54
C VAL A 517 18.18 -6.35 44.87
N PHE A 518 18.55 -5.34 45.64
CA PHE A 518 18.49 -3.96 45.15
C PHE A 518 19.73 -3.56 44.36
N VAL A 519 19.50 -3.05 43.17
CA VAL A 519 20.58 -2.57 42.30
C VAL A 519 20.24 -1.16 41.83
N ASP A 520 21.20 -0.49 41.20
CA ASP A 520 20.95 0.84 40.65
C ASP A 520 20.63 0.73 39.16
N GLU A 521 20.89 -0.44 38.57
CA GLU A 521 20.61 -0.68 37.16
C GLU A 521 20.36 -2.16 36.84
N VAL A 522 19.26 -2.45 36.14
CA VAL A 522 19.00 -3.81 35.68
C VAL A 522 19.81 -4.10 34.43
N PRO A 523 20.64 -5.14 34.48
CA PRO A 523 21.49 -5.52 33.34
C PRO A 523 20.67 -5.89 32.10
N LYS A 524 21.00 -5.27 30.98
CA LYS A 524 20.34 -5.56 29.71
C LYS A 524 21.22 -5.22 28.52
N GLY A 525 20.89 -5.77 27.34
CA GLY A 525 21.66 -5.56 26.13
C GLY A 525 21.27 -4.32 25.36
N LEU A 526 21.97 -4.07 24.25
CA LEU A 526 21.72 -2.89 23.43
C LEU A 526 20.27 -2.78 22.99
N THR A 527 19.72 -3.87 22.47
CA THR A 527 18.37 -3.83 21.93
C THR A 527 17.31 -3.91 23.05
N GLY A 528 17.76 -4.14 24.28
CA GLY A 528 16.88 -4.11 25.44
C GLY A 528 16.56 -5.45 26.08
N LYS A 529 17.15 -6.53 25.56
CA LYS A 529 16.99 -7.86 26.16
C LYS A 529 17.70 -7.91 27.53
N LEU A 530 16.99 -8.40 28.55
CA LEU A 530 17.57 -8.51 29.88
C LEU A 530 18.66 -9.56 29.92
N ASP A 531 19.70 -9.29 30.68
CA ASP A 531 20.74 -10.29 30.87
C ASP A 531 20.31 -11.24 31.99
N ALA A 532 19.59 -12.29 31.60
CA ALA A 532 19.10 -13.29 32.54
C ALA A 532 20.24 -13.91 33.36
N ARG A 533 21.36 -14.19 32.71
CA ARG A 533 22.52 -14.81 33.37
C ARG A 533 23.11 -13.89 34.43
N LYS A 534 23.34 -12.64 34.07
CA LYS A 534 23.90 -11.66 35.00
C LYS A 534 22.97 -11.43 36.17
N ILE A 535 21.67 -11.33 35.89
CA ILE A 535 20.68 -11.12 36.93
C ILE A 535 20.67 -12.30 37.91
N ARG A 536 20.81 -13.50 37.37
CA ARG A 536 20.89 -14.70 38.21
C ARG A 536 22.11 -14.67 39.12
N GLU A 537 23.26 -14.29 38.57
CA GLU A 537 24.49 -14.19 39.34
C GLU A 537 24.34 -13.18 40.49
N ILE A 538 23.72 -12.04 40.19
CA ILE A 538 23.48 -11.01 41.18
C ILE A 538 22.61 -11.50 42.34
N LEU A 539 21.58 -12.27 42.02
CA LEU A 539 20.69 -12.81 43.04
C LEU A 539 21.38 -13.95 43.82
N ILE A 540 22.11 -14.78 43.09
CA ILE A 540 22.82 -15.91 43.67
C ILE A 540 23.89 -15.49 44.67
N LYS A 541 24.61 -14.42 44.35
CA LYS A 541 25.61 -13.88 45.27
C LYS A 541 24.94 -13.31 46.51
N ALA A 542 24.00 -12.38 46.29
CA ALA A 542 23.33 -11.66 47.37
C ALA A 542 22.49 -12.56 48.29
N LYS A 543 21.38 -13.08 47.77
CA LYS A 543 20.46 -13.90 48.55
C LYS A 543 20.87 -15.36 48.55
N ALA B 4 -25.99 2.84 14.87
CA ALA B 4 -24.67 3.02 15.48
C ALA B 4 -23.71 1.96 14.97
N LYS B 5 -23.92 0.73 15.44
CA LYS B 5 -23.18 -0.41 14.90
C LYS B 5 -23.67 -0.68 13.49
N ASN B 6 -24.82 -0.10 13.13
CA ASN B 6 -25.40 -0.37 11.84
C ASN B 6 -24.99 0.64 10.78
N ILE B 7 -24.04 1.51 11.14
CA ILE B 7 -23.35 2.36 10.18
C ILE B 7 -22.03 1.68 9.82
N LYS B 8 -21.82 1.39 8.53
CA LYS B 8 -20.56 0.79 8.09
C LYS B 8 -19.57 1.89 7.73
N LYS B 9 -18.37 1.82 8.29
CA LYS B 9 -17.39 2.89 8.15
C LYS B 9 -16.11 2.38 7.49
N GLY B 10 -15.54 3.18 6.60
CA GLY B 10 -14.31 2.79 5.96
C GLY B 10 -13.24 2.89 7.04
N PRO B 11 -12.14 2.15 6.88
CA PRO B 11 -11.03 2.24 7.82
C PRO B 11 -10.22 3.51 7.59
N ALA B 12 -9.26 3.78 8.46
CA ALA B 12 -8.29 4.83 8.20
C ALA B 12 -7.60 4.50 6.89
N PRO B 13 -7.26 5.52 6.09
CA PRO B 13 -6.67 5.24 4.77
C PRO B 13 -5.35 4.46 4.89
N PHE B 14 -5.09 3.56 3.96
CA PHE B 14 -3.80 2.87 3.98
C PHE B 14 -2.74 3.70 3.24
N TYR B 15 -3.20 4.73 2.53
CA TYR B 15 -2.28 5.69 1.91
C TYR B 15 -2.75 7.09 2.33
N PRO B 16 -1.83 7.93 2.83
CA PRO B 16 -2.23 9.19 3.44
C PRO B 16 -2.78 10.23 2.47
N LEU B 17 -3.83 10.91 2.90
CA LEU B 17 -4.34 12.08 2.19
C LEU B 17 -3.21 13.09 2.03
N GLU B 18 -3.08 13.64 0.82
CA GLU B 18 -1.98 14.55 0.51
C GLU B 18 -2.42 16.03 0.58
N ASP B 19 -1.50 16.93 0.92
CA ASP B 19 -1.79 18.37 0.91
C ASP B 19 -2.00 18.90 -0.51
N GLY B 20 -2.61 20.07 -0.64
CA GLY B 20 -2.64 20.77 -1.91
C GLY B 20 -3.83 20.47 -2.79
N THR B 21 -3.93 21.21 -3.90
CA THR B 21 -5.05 21.02 -4.82
C THR B 21 -4.86 19.70 -5.58
N ALA B 22 -5.88 19.27 -6.29
CA ALA B 22 -5.75 18.08 -7.14
C ALA B 22 -4.79 18.39 -8.27
N GLY B 23 -4.82 19.63 -8.74
CA GLY B 23 -3.86 20.08 -9.74
C GLY B 23 -2.41 19.95 -9.28
N GLU B 24 -2.15 20.39 -8.05
CA GLU B 24 -0.79 20.35 -7.50
C GLU B 24 -0.33 18.91 -7.30
N GLN B 25 -1.24 18.06 -6.82
CA GLN B 25 -0.88 16.65 -6.62
C GLN B 25 -0.53 15.97 -7.96
N LEU B 26 -1.36 16.19 -8.97
CA LEU B 26 -1.09 15.65 -10.29
C LEU B 26 0.19 16.24 -10.87
N HIS B 27 0.39 17.54 -10.68
CA HIS B 27 1.59 18.20 -11.21
C HIS B 27 2.86 17.60 -10.62
N LYS B 28 2.86 17.42 -9.30
CA LYS B 28 4.00 16.94 -8.57
C LYS B 28 4.35 15.54 -9.03
N ALA B 29 3.36 14.66 -9.04
CA ALA B 29 3.61 13.28 -9.42
C ALA B 29 4.07 13.18 -10.86
N MET B 30 3.38 13.86 -11.77
CA MET B 30 3.71 13.73 -13.18
C MET B 30 5.05 14.38 -13.51
N LYS B 31 5.43 15.42 -12.76
CA LYS B 31 6.75 16.03 -12.95
C LYS B 31 7.84 15.00 -12.65
N ARG B 32 7.64 14.27 -11.55
CA ARG B 32 8.60 13.26 -11.11
C ARG B 32 8.72 12.16 -12.17
N TYR B 33 7.59 11.69 -12.67
CA TYR B 33 7.59 10.68 -13.72
C TYR B 33 8.18 11.23 -15.02
N ALA B 34 7.86 12.49 -15.33
CA ALA B 34 8.41 13.14 -16.52
C ALA B 34 9.93 13.05 -16.55
N LEU B 35 10.55 13.20 -15.39
CA LEU B 35 12.01 13.28 -15.30
C LEU B 35 12.67 11.91 -15.29
N VAL B 36 11.87 10.86 -15.46
CA VAL B 36 12.41 9.53 -15.66
C VAL B 36 12.21 9.17 -17.13
N PRO B 37 13.31 9.23 -17.92
CA PRO B 37 13.21 9.05 -19.38
C PRO B 37 12.53 7.74 -19.77
N GLY B 38 11.68 7.80 -20.78
CA GLY B 38 11.05 6.59 -21.29
C GLY B 38 9.80 6.15 -20.55
N THR B 39 9.43 6.79 -19.44
CA THR B 39 8.19 6.43 -18.78
C THR B 39 6.99 6.84 -19.67
N ILE B 40 6.09 5.89 -19.90
CA ILE B 40 4.96 6.16 -20.79
C ILE B 40 3.67 6.45 -20.04
N ALA B 41 3.00 7.52 -20.39
CA ALA B 41 1.73 7.86 -19.72
C ALA B 41 0.50 7.25 -20.43
N PHE B 42 0.41 7.42 -21.74
CA PHE B 42 -0.70 6.91 -22.53
C PHE B 42 -0.21 6.18 -23.77
N THR B 43 -0.99 5.17 -24.16
CA THR B 43 -0.80 4.45 -25.41
C THR B 43 -2.15 4.27 -26.08
N ASP B 44 -2.26 4.74 -27.31
CA ASP B 44 -3.44 4.46 -28.11
C ASP B 44 -3.22 3.12 -28.81
N ALA B 45 -3.89 2.08 -28.34
CA ALA B 45 -3.63 0.75 -28.88
C ALA B 45 -4.08 0.61 -30.34
N HIS B 46 -5.04 1.41 -30.77
CA HIS B 46 -5.56 1.34 -32.14
C HIS B 46 -4.52 1.83 -33.16
N ILE B 47 -3.83 2.92 -32.85
CA ILE B 47 -2.83 3.46 -33.77
C ILE B 47 -1.38 3.16 -33.34
N GLU B 48 -1.23 2.43 -32.24
CA GLU B 48 0.09 2.10 -31.69
C GLU B 48 0.96 3.35 -31.54
N VAL B 49 0.48 4.32 -30.80
CA VAL B 49 1.28 5.50 -30.50
C VAL B 49 1.38 5.69 -28.98
N ASN B 50 2.61 5.90 -28.51
CA ASN B 50 2.90 6.19 -27.11
C ASN B 50 3.13 7.68 -26.87
N ILE B 51 2.74 8.16 -25.69
CA ILE B 51 3.16 9.48 -25.25
C ILE B 51 3.74 9.36 -23.86
N THR B 52 4.96 9.88 -23.69
CA THR B 52 5.67 9.72 -22.42
C THR B 52 5.13 10.70 -21.38
N TYR B 53 5.42 10.44 -20.11
CA TYR B 53 5.08 11.40 -19.06
C TYR B 53 5.76 12.75 -19.32
N ALA B 54 7.01 12.72 -19.79
CA ALA B 54 7.70 13.96 -20.13
C ALA B 54 6.90 14.79 -21.13
N GLU B 55 6.49 14.15 -22.22
CA GLU B 55 5.75 14.84 -23.25
C GLU B 55 4.36 15.26 -22.75
N TYR B 56 3.70 14.39 -21.97
CA TYR B 56 2.36 14.70 -21.48
C TYR B 56 2.42 15.83 -20.48
N PHE B 57 3.38 15.75 -19.56
CA PHE B 57 3.59 16.79 -18.56
C PHE B 57 3.87 18.12 -19.23
N GLU B 58 4.79 18.10 -20.19
CA GLU B 58 5.19 19.33 -20.86
C GLU B 58 4.04 20.02 -21.62
N MET B 59 3.26 19.24 -22.35
CA MET B 59 2.13 19.80 -23.09
C MET B 59 1.04 20.29 -22.15
N SER B 60 0.77 19.53 -21.08
CA SER B 60 -0.24 19.96 -20.11
C SER B 60 0.21 21.25 -19.43
N VAL B 61 1.49 21.36 -19.09
CA VAL B 61 1.98 22.60 -18.48
C VAL B 61 1.89 23.76 -19.50
N ARG B 62 2.23 23.48 -20.76
CA ARG B 62 2.17 24.51 -21.79
C ARG B 62 0.75 25.01 -21.96
N LEU B 63 -0.21 24.09 -21.93
CA LEU B 63 -1.63 24.43 -22.03
C LEU B 63 -2.10 25.24 -20.82
N ALA B 64 -1.63 24.84 -19.63
CA ALA B 64 -1.92 25.58 -18.41
C ALA B 64 -1.47 27.04 -18.56
N GLU B 65 -0.22 27.23 -18.95
CA GLU B 65 0.35 28.56 -19.03
C GLU B 65 -0.33 29.40 -20.11
N ALA B 66 -0.65 28.78 -21.25
CA ALA B 66 -1.33 29.48 -22.36
C ALA B 66 -2.74 29.91 -21.98
N MET B 67 -3.47 29.07 -21.26
CA MET B 67 -4.78 29.43 -20.76
C MET B 67 -4.72 30.60 -19.80
N LYS B 68 -3.71 30.62 -18.94
CA LYS B 68 -3.54 31.76 -18.06
C LYS B 68 -3.31 33.01 -18.89
N ARG B 69 -2.39 32.93 -19.83
CA ARG B 69 -2.02 34.11 -20.61
C ARG B 69 -3.16 34.55 -21.52
N TYR B 70 -3.98 33.58 -21.93
CA TYR B 70 -5.18 33.90 -22.70
C TYR B 70 -6.16 34.65 -21.81
N GLY B 71 -6.18 34.32 -20.53
CA GLY B 71 -6.98 35.07 -19.57
C GLY B 71 -7.90 34.27 -18.68
N LEU B 72 -7.74 32.96 -18.63
CA LEU B 72 -8.59 32.16 -17.77
C LEU B 72 -8.05 32.19 -16.34
N ASN B 73 -8.95 32.16 -15.37
CA ASN B 73 -8.58 32.01 -13.98
C ASN B 73 -9.67 31.21 -13.31
N THR B 74 -9.74 31.24 -11.99
CA THR B 74 -10.72 30.43 -11.28
C THR B 74 -12.18 30.83 -11.56
N ASN B 75 -12.39 31.95 -12.25
CA ASN B 75 -13.75 32.39 -12.57
C ASN B 75 -14.28 31.81 -13.87
N HIS B 76 -13.48 30.97 -14.52
CA HIS B 76 -13.83 30.41 -15.82
C HIS B 76 -13.93 28.89 -15.82
N ARG B 77 -14.65 28.37 -16.82
CA ARG B 77 -14.80 26.94 -17.01
C ARG B 77 -14.46 26.58 -18.44
N ILE B 78 -13.97 25.37 -18.66
CA ILE B 78 -13.83 24.88 -20.02
C ILE B 78 -14.65 23.64 -20.21
N VAL B 79 -14.98 23.36 -21.46
CA VAL B 79 -15.56 22.07 -21.80
C VAL B 79 -14.52 21.26 -22.56
N VAL B 80 -14.49 19.96 -22.30
CA VAL B 80 -13.70 19.04 -23.11
C VAL B 80 -14.68 18.07 -23.74
N CYS B 81 -14.76 18.07 -25.06
CA CYS B 81 -15.73 17.22 -25.74
C CYS B 81 -15.01 16.35 -26.75
N SER B 82 -14.86 15.08 -26.40
CA SER B 82 -14.03 14.17 -27.20
C SER B 82 -14.19 12.70 -26.85
N GLU B 83 -14.09 11.87 -27.87
CA GLU B 83 -13.96 10.43 -27.69
C GLU B 83 -12.64 10.15 -26.96
N ASN B 84 -12.49 8.98 -26.35
CA ASN B 84 -11.21 8.62 -25.73
C ASN B 84 -10.07 8.77 -26.73
N SER B 85 -8.97 9.40 -26.29
CA SER B 85 -7.84 9.71 -27.18
C SER B 85 -6.61 10.05 -26.40
N LEU B 86 -5.48 10.19 -27.10
CA LEU B 86 -4.24 10.55 -26.42
C LEU B 86 -4.29 12.00 -25.96
N GLN B 87 -5.16 12.79 -26.59
CA GLN B 87 -5.22 14.22 -26.30
C GLN B 87 -6.20 14.60 -25.18
N PHE B 88 -7.12 13.69 -24.84
CA PHE B 88 -8.23 14.01 -23.93
C PHE B 88 -7.73 14.71 -22.65
N PHE B 89 -6.73 14.13 -21.98
CA PHE B 89 -6.37 14.67 -20.64
C PHE B 89 -5.43 15.85 -20.67
N MET B 90 -5.02 16.28 -21.85
CA MET B 90 -4.17 17.46 -21.92
C MET B 90 -4.86 18.74 -21.42
N PRO B 91 -6.05 19.06 -21.95
CA PRO B 91 -6.74 20.25 -21.40
C PRO B 91 -7.24 20.03 -19.98
N VAL B 92 -7.65 18.81 -19.67
CA VAL B 92 -8.09 18.46 -18.31
C VAL B 92 -7.01 18.78 -17.28
N LEU B 93 -5.80 18.27 -17.49
CA LEU B 93 -4.70 18.50 -16.57
C LEU B 93 -4.31 19.97 -16.55
N GLY B 94 -4.18 20.56 -17.74
CA GLY B 94 -3.80 21.96 -17.85
C GLY B 94 -4.74 22.85 -17.04
N ALA B 95 -6.03 22.56 -17.11
CA ALA B 95 -6.99 23.37 -16.38
C ALA B 95 -6.89 23.11 -14.86
N LEU B 96 -6.70 21.86 -14.47
CA LEU B 96 -6.61 21.55 -13.05
C LEU B 96 -5.40 22.26 -12.44
N PHE B 97 -4.32 22.37 -13.22
CA PHE B 97 -3.10 23.04 -12.74
C PHE B 97 -3.34 24.50 -12.42
N ILE B 98 -4.35 25.12 -13.02
CA ILE B 98 -4.59 26.56 -12.78
C ILE B 98 -5.93 26.87 -12.14
N GLY B 99 -6.71 25.85 -11.77
CA GLY B 99 -7.94 26.10 -11.04
C GLY B 99 -9.13 26.45 -11.94
N VAL B 100 -9.02 26.14 -13.22
CA VAL B 100 -10.15 26.34 -14.15
C VAL B 100 -11.02 25.07 -14.17
N ALA B 101 -12.32 25.22 -13.89
CA ALA B 101 -13.18 24.04 -13.78
C ALA B 101 -13.34 23.35 -15.14
N VAL B 102 -13.37 22.02 -15.12
CA VAL B 102 -13.45 21.25 -16.34
C VAL B 102 -14.80 20.55 -16.46
N ALA B 103 -15.51 20.80 -17.56
CA ALA B 103 -16.80 20.16 -17.76
C ALA B 103 -16.76 19.22 -18.96
N PRO B 104 -16.57 17.92 -18.72
CA PRO B 104 -16.56 16.99 -19.86
C PRO B 104 -17.97 16.82 -20.41
N ALA B 105 -18.08 16.84 -21.73
CA ALA B 105 -19.35 16.66 -22.43
C ALA B 105 -19.25 15.43 -23.30
N ASN B 106 -20.14 14.48 -23.03
CA ASN B 106 -20.25 13.23 -23.78
C ASN B 106 -20.16 13.46 -25.30
N ASP B 107 -19.19 12.82 -25.96
CA ASP B 107 -18.94 13.11 -27.37
C ASP B 107 -20.01 12.53 -28.30
N ILE B 108 -20.94 11.75 -27.76
CA ILE B 108 -22.01 11.22 -28.59
C ILE B 108 -23.36 11.85 -28.25
N TYR B 109 -23.34 12.87 -27.41
CA TYR B 109 -24.51 13.74 -27.21
C TYR B 109 -25.04 14.27 -28.56
N ASN B 110 -26.36 14.37 -28.71
CA ASN B 110 -26.89 15.13 -29.84
C ASN B 110 -26.81 16.61 -29.50
N GLU B 111 -27.11 17.46 -30.47
CA GLU B 111 -27.00 18.90 -30.26
C GLU B 111 -27.87 19.39 -29.10
N ARG B 112 -29.04 18.79 -28.92
CA ARG B 112 -29.89 19.21 -27.82
C ARG B 112 -29.24 18.88 -26.47
N GLU B 113 -28.75 17.65 -26.35
CA GLU B 113 -28.04 17.24 -25.14
C GLU B 113 -26.81 18.13 -24.88
N LEU B 114 -26.05 18.37 -25.94
CA LEU B 114 -24.86 19.20 -25.90
C LEU B 114 -25.16 20.62 -25.43
N LEU B 115 -26.13 21.25 -26.07
CA LEU B 115 -26.58 22.57 -25.66
C LEU B 115 -27.02 22.56 -24.19
N ASN B 116 -27.82 21.57 -23.78
CA ASN B 116 -28.24 21.51 -22.38
C ASN B 116 -27.06 21.42 -21.43
N SER B 117 -26.08 20.61 -21.79
CA SER B 117 -24.91 20.39 -20.94
C SER B 117 -24.11 21.66 -20.78
N MET B 118 -23.89 22.36 -21.91
CA MET B 118 -23.05 23.55 -21.88
C MET B 118 -23.81 24.77 -21.37
N ASN B 119 -25.14 24.73 -21.45
CA ASN B 119 -25.95 25.76 -20.79
C ASN B 119 -25.74 25.75 -19.28
N ILE B 120 -25.50 24.56 -18.73
CA ILE B 120 -25.27 24.45 -17.29
C ILE B 120 -23.83 24.80 -16.97
N SER B 121 -22.87 24.31 -17.76
CA SER B 121 -21.46 24.51 -17.43
C SER B 121 -20.93 25.88 -17.82
N GLN B 122 -21.56 26.50 -18.82
CA GLN B 122 -21.22 27.87 -19.21
C GLN B 122 -19.72 28.10 -19.39
N PRO B 123 -19.11 27.38 -20.34
CA PRO B 123 -17.67 27.45 -20.60
C PRO B 123 -17.23 28.67 -21.41
N THR B 124 -16.03 29.18 -21.13
CA THR B 124 -15.46 30.28 -21.89
C THR B 124 -14.78 29.72 -23.14
N VAL B 125 -14.16 28.56 -22.95
CA VAL B 125 -13.45 27.86 -24.01
C VAL B 125 -13.97 26.44 -24.14
N VAL B 126 -14.11 25.98 -25.38
CA VAL B 126 -14.44 24.59 -25.65
C VAL B 126 -13.27 23.88 -26.35
N PHE B 127 -12.80 22.78 -25.76
CA PHE B 127 -11.87 21.88 -26.46
C PHE B 127 -12.72 20.76 -27.06
N VAL B 128 -12.52 20.48 -28.34
CA VAL B 128 -13.34 19.49 -29.04
C VAL B 128 -12.51 18.77 -30.11
N SER B 129 -12.83 17.48 -30.31
CA SER B 129 -12.21 16.69 -31.36
C SER B 129 -12.84 17.04 -32.70
N LYS B 130 -12.17 16.69 -33.79
CA LYS B 130 -12.69 17.02 -35.12
C LYS B 130 -14.11 16.48 -35.27
N LYS B 131 -14.34 15.28 -34.74
CA LYS B 131 -15.63 14.61 -34.82
C LYS B 131 -16.78 15.45 -34.28
N GLY B 132 -16.50 16.33 -33.33
CA GLY B 132 -17.57 17.05 -32.66
C GLY B 132 -17.66 18.51 -33.01
N LEU B 133 -16.78 19.00 -33.88
CA LEU B 133 -16.72 20.43 -34.14
C LEU B 133 -18.07 20.99 -34.60
N GLN B 134 -18.73 20.31 -35.54
CA GLN B 134 -19.97 20.86 -36.11
C GLN B 134 -21.08 21.00 -35.07
N LYS B 135 -21.25 19.98 -34.24
CA LYS B 135 -22.25 20.05 -33.19
C LYS B 135 -21.99 21.24 -32.27
N ILE B 136 -20.74 21.42 -31.87
CA ILE B 136 -20.36 22.56 -31.04
C ILE B 136 -20.66 23.89 -31.73
N LEU B 137 -20.41 23.94 -33.03
CA LEU B 137 -20.63 25.18 -33.78
C LEU B 137 -22.11 25.51 -33.82
N ASN B 138 -22.93 24.51 -34.12
CA ASN B 138 -24.37 24.68 -34.11
C ASN B 138 -24.84 25.26 -32.77
N VAL B 139 -24.30 24.74 -31.67
CA VAL B 139 -24.72 25.14 -30.33
C VAL B 139 -24.16 26.50 -29.91
N GLN B 140 -22.96 26.81 -30.36
CA GLN B 140 -22.24 28.01 -29.89
C GLN B 140 -23.05 29.29 -29.96
N LYS B 141 -23.72 29.50 -31.08
CA LYS B 141 -24.45 30.75 -31.32
C LYS B 141 -25.46 31.03 -30.22
N LYS B 142 -25.99 29.98 -29.58
CA LYS B 142 -26.95 30.16 -28.50
C LYS B 142 -26.31 30.40 -27.14
N LEU B 143 -25.01 30.17 -27.03
CA LEU B 143 -24.32 30.39 -25.76
C LEU B 143 -23.20 31.42 -25.89
N PRO B 144 -23.56 32.69 -25.70
CA PRO B 144 -22.63 33.82 -25.84
C PRO B 144 -21.32 33.67 -25.08
N ILE B 145 -21.34 32.94 -23.96
CA ILE B 145 -20.17 32.82 -23.09
C ILE B 145 -19.00 32.11 -23.80
N ILE B 146 -19.31 31.17 -24.69
CA ILE B 146 -18.28 30.47 -25.45
C ILE B 146 -17.54 31.44 -26.37
N GLN B 147 -16.31 31.79 -25.99
CA GLN B 147 -15.47 32.76 -26.70
C GLN B 147 -14.54 32.14 -27.71
N LYS B 148 -14.28 30.85 -27.54
CA LYS B 148 -13.12 30.24 -28.16
C LYS B 148 -13.32 28.74 -28.30
N ILE B 149 -13.02 28.21 -29.47
CA ILE B 149 -13.08 26.79 -29.71
C ILE B 149 -11.71 26.28 -30.15
N ILE B 150 -11.25 25.17 -29.58
CA ILE B 150 -9.91 24.66 -29.83
C ILE B 150 -10.01 23.21 -30.23
N ILE B 151 -9.27 22.83 -31.26
CA ILE B 151 -9.36 21.48 -31.81
C ILE B 151 -8.30 20.59 -31.15
N MET B 152 -8.72 19.43 -30.65
CA MET B 152 -7.84 18.58 -29.84
C MET B 152 -6.98 17.62 -30.67
N ASP B 153 -7.59 16.93 -31.62
CA ASP B 153 -6.86 15.91 -32.37
C ASP B 153 -6.36 16.47 -33.70
N SER B 154 -5.69 17.60 -33.63
CA SER B 154 -4.97 18.14 -34.79
C SER B 154 -3.69 18.79 -34.32
N LYS B 155 -2.68 18.84 -35.20
CA LYS B 155 -1.45 19.55 -34.88
C LYS B 155 -1.49 20.97 -35.45
N THR B 156 -1.95 21.10 -36.68
CA THR B 156 -2.09 22.40 -37.30
C THR B 156 -3.45 23.00 -36.99
N ASP B 157 -3.69 24.24 -37.41
CA ASP B 157 -5.04 24.77 -37.42
C ASP B 157 -5.95 23.81 -38.18
N TYR B 158 -7.25 23.95 -37.95
CA TYR B 158 -8.21 23.08 -38.59
C TYR B 158 -9.50 23.84 -38.77
N GLN B 159 -9.90 24.00 -40.04
CA GLN B 159 -11.13 24.68 -40.43
C GLN B 159 -11.30 26.07 -39.82
N GLY B 160 -10.21 26.82 -39.75
CA GLY B 160 -10.23 28.16 -39.21
C GLY B 160 -10.03 28.21 -37.71
N PHE B 161 -9.93 27.04 -37.07
CA PHE B 161 -9.77 27.00 -35.62
C PHE B 161 -8.37 26.55 -35.22
N GLN B 162 -7.86 27.14 -34.15
CA GLN B 162 -6.58 26.74 -33.63
C GLN B 162 -6.63 25.34 -33.04
N SER B 163 -5.49 24.66 -33.06
CA SER B 163 -5.34 23.40 -32.35
C SER B 163 -4.78 23.72 -30.98
N MET B 164 -4.66 22.71 -30.13
CA MET B 164 -4.04 22.96 -28.82
C MET B 164 -2.61 23.42 -29.02
N TYR B 165 -1.94 22.88 -30.04
CA TYR B 165 -0.56 23.24 -30.32
C TYR B 165 -0.38 24.66 -30.86
N THR B 166 -1.24 25.08 -31.79
CA THR B 166 -1.10 26.44 -32.30
C THR B 166 -1.62 27.44 -31.26
N PHE B 167 -2.60 27.02 -30.46
CA PHE B 167 -3.08 27.87 -29.37
C PHE B 167 -1.92 28.17 -28.43
N VAL B 168 -1.25 27.11 -28.01
CA VAL B 168 -0.15 27.22 -27.08
C VAL B 168 0.92 28.14 -27.68
N THR B 169 1.21 27.93 -28.96
CA THR B 169 2.22 28.72 -29.67
C THR B 169 1.87 30.21 -29.72
N SER B 170 0.59 30.51 -29.82
CA SER B 170 0.12 31.89 -29.83
C SER B 170 0.33 32.59 -28.50
N HIS B 171 0.43 31.84 -27.40
CA HIS B 171 0.38 32.50 -26.10
C HIS B 171 1.59 32.27 -25.18
N LEU B 172 2.44 31.31 -25.51
CA LEU B 172 3.60 31.05 -24.65
C LEU B 172 4.74 32.03 -24.90
N PRO B 173 5.38 32.51 -23.82
CA PRO B 173 6.57 33.33 -24.02
C PRO B 173 7.72 32.49 -24.58
N PRO B 174 8.58 33.11 -25.40
CA PRO B 174 9.77 32.42 -25.91
C PRO B 174 10.67 31.94 -24.78
N GLY B 175 11.21 30.74 -24.92
CA GLY B 175 12.11 30.22 -23.89
C GLY B 175 11.41 29.72 -22.63
N PHE B 176 10.10 29.53 -22.72
CA PHE B 176 9.33 28.98 -21.60
C PHE B 176 9.86 27.61 -21.18
N ASN B 177 10.05 27.44 -19.87
CA ASN B 177 10.54 26.17 -19.34
C ASN B 177 9.45 25.49 -18.52
N GLU B 178 8.96 24.35 -19.00
CA GLU B 178 7.84 23.67 -18.35
C GLU B 178 8.19 23.21 -16.94
N TYR B 179 9.48 22.93 -16.70
CA TYR B 179 9.93 22.46 -15.38
C TYR B 179 10.12 23.59 -14.35
N ASP B 180 10.00 24.84 -14.79
CA ASP B 180 10.00 25.98 -13.85
C ASP B 180 8.58 26.45 -13.55
N PHE B 181 7.62 25.92 -14.28
CA PHE B 181 6.22 26.27 -14.02
C PHE B 181 5.78 25.86 -12.62
N VAL B 182 5.08 26.75 -11.91
CA VAL B 182 4.49 26.38 -10.63
C VAL B 182 2.96 26.37 -10.72
N PRO B 183 2.32 25.23 -10.38
CA PRO B 183 0.86 25.14 -10.45
C PRO B 183 0.19 26.10 -9.47
N GLU B 184 -1.06 26.46 -9.78
CA GLU B 184 -1.82 27.34 -8.91
C GLU B 184 -2.22 26.64 -7.63
N SER B 185 -2.16 27.39 -6.54
CA SER B 185 -2.69 26.99 -5.24
C SER B 185 -3.98 27.78 -5.00
N PHE B 186 -4.93 27.19 -4.29
CA PHE B 186 -6.21 27.84 -4.00
C PHE B 186 -6.96 26.97 -3.02
N ASP B 187 -8.08 27.47 -2.50
CA ASP B 187 -8.90 26.70 -1.58
C ASP B 187 -9.49 25.48 -2.30
N ARG B 188 -9.10 24.28 -1.87
CA ARG B 188 -9.52 23.09 -2.61
C ARG B 188 -10.94 22.66 -2.27
N ASP B 189 -11.52 23.25 -1.24
CA ASP B 189 -12.92 22.99 -0.93
C ASP B 189 -13.84 23.83 -1.77
N LYS B 190 -13.40 25.06 -2.07
CA LYS B 190 -14.28 26.03 -2.75
C LYS B 190 -14.13 25.97 -4.26
N THR B 191 -12.94 25.59 -4.71
CA THR B 191 -12.64 25.64 -6.12
C THR B 191 -13.08 24.34 -6.79
N ILE B 192 -13.92 24.46 -7.80
CA ILE B 192 -14.42 23.31 -8.53
C ILE B 192 -13.39 22.76 -9.52
N ALA B 193 -13.17 21.45 -9.46
CA ALA B 193 -12.26 20.76 -10.36
C ALA B 193 -13.01 20.26 -11.59
N LEU B 194 -14.05 19.47 -11.36
CA LEU B 194 -14.87 18.95 -12.45
C LEU B 194 -16.35 19.27 -12.30
N ILE B 195 -17.00 19.49 -13.43
CA ILE B 195 -18.46 19.49 -13.52
C ILE B 195 -18.86 18.33 -14.41
N MET B 196 -19.37 17.26 -13.80
CA MET B 196 -19.73 16.05 -14.54
C MET B 196 -21.23 16.09 -14.82
N ASN B 197 -21.68 15.40 -15.86
CA ASN B 197 -23.11 15.36 -16.12
C ASN B 197 -23.71 14.10 -15.50
N SER B 198 -24.88 14.27 -14.91
CA SER B 198 -25.66 13.17 -14.36
C SER B 198 -27.11 13.34 -14.76
N SER B 199 -27.66 12.36 -15.48
CA SER B 199 -29.03 12.46 -15.98
C SER B 199 -30.02 11.76 -15.04
N LEU B 204 -32.91 14.71 -18.94
CA LEU B 204 -32.38 16.06 -18.73
C LEU B 204 -31.25 16.05 -17.72
N PRO B 205 -30.01 16.03 -18.21
CA PRO B 205 -28.89 15.93 -17.27
C PRO B 205 -28.69 17.19 -16.43
N LYS B 206 -28.03 16.98 -15.29
CA LYS B 206 -27.66 18.04 -14.37
C LYS B 206 -26.14 18.15 -14.35
N GLY B 207 -25.63 19.26 -13.83
CA GLY B 207 -24.20 19.45 -13.69
C GLY B 207 -23.78 19.10 -12.27
N VAL B 208 -22.82 18.18 -12.15
CA VAL B 208 -22.36 17.73 -10.85
C VAL B 208 -21.04 18.43 -10.51
N ALA B 209 -21.09 19.39 -9.58
CA ALA B 209 -19.88 20.15 -9.21
C ALA B 209 -19.03 19.38 -8.19
N LEU B 210 -17.78 19.09 -8.57
CA LEU B 210 -16.85 18.35 -7.72
C LEU B 210 -15.65 19.21 -7.30
N PRO B 211 -15.62 19.68 -6.03
CA PRO B 211 -14.47 20.47 -5.58
C PRO B 211 -13.16 19.68 -5.74
N HIS B 212 -12.03 20.38 -5.81
CA HIS B 212 -10.73 19.72 -5.88
C HIS B 212 -10.55 18.68 -4.78
N ARG B 213 -11.09 18.96 -3.59
CA ARG B 213 -10.98 18.04 -2.47
C ARG B 213 -11.41 16.60 -2.82
N THR B 214 -12.49 16.45 -3.58
CA THR B 214 -12.99 15.11 -3.86
C THR B 214 -11.98 14.34 -4.69
N ALA B 215 -11.31 15.03 -5.61
CA ALA B 215 -10.26 14.40 -6.39
C ALA B 215 -9.05 14.03 -5.50
N CYS B 216 -8.73 14.91 -4.56
CA CYS B 216 -7.64 14.67 -3.62
C CYS B 216 -7.93 13.41 -2.79
N VAL B 217 -9.17 13.25 -2.40
CA VAL B 217 -9.55 12.05 -1.67
C VAL B 217 -9.48 10.83 -2.57
N ARG B 218 -9.95 10.95 -3.81
CA ARG B 218 -9.80 9.86 -4.76
C ARG B 218 -8.31 9.45 -4.90
N PHE B 219 -7.41 10.42 -4.82
CA PHE B 219 -6.00 10.13 -5.02
C PHE B 219 -5.41 9.33 -3.87
N SER B 220 -5.98 9.49 -2.70
CA SER B 220 -5.65 8.61 -1.59
C SER B 220 -6.08 7.19 -1.92
N HIS B 221 -7.35 7.03 -2.29
CA HIS B 221 -7.88 5.72 -2.64
C HIS B 221 -7.10 5.04 -3.77
N ALA B 222 -6.76 5.81 -4.79
CA ALA B 222 -6.12 5.25 -5.97
C ALA B 222 -4.72 4.70 -5.67
N ARG B 223 -4.04 5.29 -4.68
CA ARG B 223 -2.68 4.87 -4.31
C ARG B 223 -2.68 3.93 -3.12
N ASP B 224 -3.88 3.60 -2.67
CA ASP B 224 -4.07 2.79 -1.47
C ASP B 224 -3.80 1.32 -1.82
N PRO B 225 -2.99 0.63 -0.99
CA PRO B 225 -2.65 -0.77 -1.27
C PRO B 225 -3.85 -1.72 -1.11
N ILE B 226 -4.82 -1.34 -0.30
CA ILE B 226 -6.01 -2.16 -0.10
C ILE B 226 -7.15 -1.74 -1.04
N PHE B 227 -7.35 -0.43 -1.17
CA PHE B 227 -8.52 0.10 -1.89
C PHE B 227 -8.20 0.63 -3.28
N GLY B 228 -6.93 0.57 -3.69
CA GLY B 228 -6.52 1.04 -4.99
C GLY B 228 -5.72 0.01 -5.78
N ASN B 229 -4.56 0.42 -6.26
CA ASN B 229 -3.69 -0.48 -7.02
C ASN B 229 -2.28 -0.51 -6.41
N GLN B 230 -1.63 -1.67 -6.53
CA GLN B 230 -0.22 -1.78 -6.19
C GLN B 230 0.57 -0.82 -7.07
N ILE B 231 1.42 0.00 -6.46
CA ILE B 231 2.29 0.86 -7.26
C ILE B 231 3.67 0.25 -7.45
N ILE B 232 3.86 -0.38 -8.60
CA ILE B 232 5.13 -0.98 -8.97
C ILE B 232 5.54 -0.49 -10.37
N PRO B 233 6.85 -0.38 -10.62
CA PRO B 233 7.36 0.10 -11.90
C PRO B 233 6.81 -0.71 -13.07
N ASP B 234 6.67 -0.07 -14.24
CA ASP B 234 6.25 -0.77 -15.44
C ASP B 234 4.86 -1.40 -15.32
N THR B 235 3.94 -0.71 -14.64
CA THR B 235 2.57 -1.18 -14.58
C THR B 235 1.79 -0.57 -15.73
N ALA B 236 1.06 -1.41 -16.45
CA ALA B 236 0.24 -0.96 -17.57
C ALA B 236 -1.20 -1.35 -17.29
N ILE B 237 -2.10 -0.40 -17.54
CA ILE B 237 -3.53 -0.61 -17.39
C ILE B 237 -4.18 -0.51 -18.77
N LEU B 238 -5.13 -1.40 -19.03
CA LEU B 238 -5.93 -1.30 -20.25
C LEU B 238 -7.35 -0.93 -19.88
N SER B 239 -7.75 0.28 -20.28
CA SER B 239 -9.04 0.82 -19.91
C SER B 239 -9.93 1.08 -21.11
N VAL B 240 -11.17 0.62 -21.04
CA VAL B 240 -12.12 0.84 -22.10
C VAL B 240 -13.37 1.50 -21.54
N VAL B 241 -13.16 2.43 -20.61
CA VAL B 241 -14.22 3.23 -19.99
C VAL B 241 -14.16 4.66 -20.55
N PRO B 242 -15.32 5.25 -20.84
CA PRO B 242 -15.34 6.61 -21.41
C PRO B 242 -14.70 7.63 -20.47
N PHE B 243 -13.79 8.47 -20.96
CA PHE B 243 -13.13 9.43 -20.09
C PHE B 243 -14.04 10.54 -19.55
N HIS B 244 -15.13 10.84 -20.27
CA HIS B 244 -16.02 11.96 -19.89
C HIS B 244 -17.01 11.61 -18.78
N HIS B 245 -17.00 10.35 -18.39
CA HIS B 245 -17.82 9.85 -17.29
C HIS B 245 -16.96 9.72 -16.02
N GLY B 246 -17.58 9.83 -14.85
CA GLY B 246 -16.86 9.69 -13.59
C GLY B 246 -16.01 8.42 -13.46
N PHE B 247 -16.51 7.30 -13.99
CA PHE B 247 -15.80 6.01 -13.91
C PHE B 247 -14.45 6.12 -14.64
N GLY B 248 -14.45 6.65 -15.85
CA GLY B 248 -13.22 6.83 -16.60
C GLY B 248 -12.37 8.02 -16.17
N MET B 249 -13.02 9.09 -15.73
CA MET B 249 -12.28 10.28 -15.35
C MET B 249 -11.39 10.02 -14.12
N PHE B 250 -11.98 9.44 -13.08
CA PHE B 250 -11.29 9.38 -11.79
C PHE B 250 -10.45 8.13 -11.61
N THR B 251 -10.72 7.08 -12.38
CA THR B 251 -9.74 6.00 -12.46
C THR B 251 -8.50 6.47 -13.25
N THR B 252 -8.72 7.14 -14.37
CA THR B 252 -7.58 7.56 -15.20
C THR B 252 -6.72 8.59 -14.48
N LEU B 253 -7.36 9.56 -13.81
CA LEU B 253 -6.55 10.54 -13.06
C LEU B 253 -5.76 9.82 -11.97
N GLY B 254 -6.36 8.80 -11.36
CA GLY B 254 -5.66 7.99 -10.36
C GLY B 254 -4.47 7.23 -10.94
N TYR B 255 -4.62 6.72 -12.16
CA TYR B 255 -3.54 5.97 -12.79
C TYR B 255 -2.38 6.87 -13.11
N LEU B 256 -2.67 8.09 -13.55
CA LEU B 256 -1.64 9.06 -13.88
C LEU B 256 -0.86 9.44 -12.62
N ILE B 257 -1.56 9.62 -11.50
CA ILE B 257 -0.85 9.98 -10.28
C ILE B 257 0.00 8.81 -9.76
N CYS B 258 -0.36 7.58 -10.16
CA CYS B 258 0.42 6.38 -9.82
C CYS B 258 1.60 6.15 -10.77
N GLY B 259 1.67 6.92 -11.84
CA GLY B 259 2.73 6.76 -12.84
C GLY B 259 2.51 5.57 -13.76
N PHE B 260 1.27 5.09 -13.88
CA PHE B 260 1.00 3.94 -14.73
C PHE B 260 0.98 4.30 -16.23
N ARG B 261 1.16 3.27 -17.05
CA ARG B 261 0.97 3.40 -18.50
C ARG B 261 -0.50 3.14 -18.79
N VAL B 262 -1.21 4.16 -19.29
CA VAL B 262 -2.65 4.00 -19.50
C VAL B 262 -2.92 3.66 -20.97
N VAL B 263 -3.28 2.40 -21.23
CA VAL B 263 -3.54 1.96 -22.59
C VAL B 263 -5.02 2.10 -22.93
N LEU B 264 -5.31 2.73 -24.07
CA LEU B 264 -6.67 3.09 -24.39
C LEU B 264 -7.06 2.64 -25.79
N MET B 265 -8.36 2.72 -26.08
CA MET B 265 -8.88 2.56 -27.43
C MET B 265 -10.23 3.29 -27.55
N TYR B 266 -10.46 3.96 -28.67
CA TYR B 266 -11.61 4.84 -28.76
C TYR B 266 -12.92 4.03 -28.72
N ARG B 267 -12.86 2.79 -29.17
CA ARG B 267 -14.02 1.90 -29.17
C ARG B 267 -13.60 0.44 -28.92
N PHE B 268 -14.28 -0.21 -27.99
CA PHE B 268 -13.98 -1.61 -27.70
C PHE B 268 -14.13 -2.49 -28.92
N GLU B 269 -13.11 -3.32 -29.15
CA GLU B 269 -13.18 -4.35 -30.16
C GLU B 269 -12.39 -5.52 -29.64
N GLU B 270 -12.97 -6.71 -29.74
CA GLU B 270 -12.50 -7.88 -29.02
C GLU B 270 -11.05 -8.28 -29.27
N GLU B 271 -10.62 -8.32 -30.52
CA GLU B 271 -9.30 -8.83 -30.85
C GLU B 271 -8.20 -7.82 -30.52
N LEU B 272 -8.47 -6.54 -30.77
CA LEU B 272 -7.53 -5.49 -30.37
C LEU B 272 -7.32 -5.56 -28.84
N PHE B 273 -8.41 -5.80 -28.11
CA PHE B 273 -8.36 -5.87 -26.65
C PHE B 273 -7.42 -6.97 -26.14
N LEU B 274 -7.68 -8.20 -26.55
CA LEU B 274 -6.82 -9.32 -26.17
C LEU B 274 -5.39 -9.15 -26.67
N ARG B 275 -5.25 -8.66 -27.89
CA ARG B 275 -3.92 -8.51 -28.47
C ARG B 275 -3.13 -7.47 -27.66
N SER B 276 -3.81 -6.43 -27.21
CA SER B 276 -3.16 -5.38 -26.42
C SER B 276 -2.79 -5.90 -25.01
N LEU B 277 -3.72 -6.59 -24.35
CA LEU B 277 -3.44 -7.24 -23.07
C LEU B 277 -2.12 -8.00 -23.16
N GLN B 278 -1.98 -8.74 -24.25
CA GLN B 278 -0.79 -9.52 -24.51
C GLN B 278 0.44 -8.66 -24.78
N ASP B 279 0.39 -7.86 -25.85
CA ASP B 279 1.59 -7.18 -26.34
C ASP B 279 2.08 -6.09 -25.39
N TYR B 280 1.17 -5.50 -24.63
CA TYR B 280 1.60 -4.50 -23.67
C TYR B 280 1.80 -5.10 -22.28
N LYS B 281 1.53 -6.40 -22.13
CA LYS B 281 1.72 -7.09 -20.85
C LYS B 281 0.95 -6.43 -19.72
N ILE B 282 -0.32 -6.15 -20.00
CA ILE B 282 -1.20 -5.44 -19.10
C ILE B 282 -1.40 -6.16 -17.76
N GLN B 283 -1.19 -5.44 -16.66
CA GLN B 283 -1.45 -6.01 -15.35
C GLN B 283 -2.91 -5.92 -14.96
N THR B 284 -3.58 -4.85 -15.42
CA THR B 284 -4.96 -4.58 -15.02
C THR B 284 -5.85 -4.18 -16.19
N ALA B 285 -6.98 -4.84 -16.33
CA ALA B 285 -7.96 -4.44 -17.33
C ALA B 285 -9.18 -3.86 -16.63
N LEU B 286 -9.59 -2.68 -17.05
CA LEU B 286 -10.73 -2.01 -16.46
C LEU B 286 -11.89 -2.05 -17.43
N LEU B 287 -12.94 -2.78 -17.05
CA LEU B 287 -14.06 -3.08 -17.93
C LEU B 287 -15.40 -2.52 -17.43
N VAL B 288 -16.39 -2.47 -18.32
CA VAL B 288 -17.79 -2.37 -17.90
C VAL B 288 -18.42 -3.73 -18.16
N PRO B 289 -19.44 -4.09 -17.36
CA PRO B 289 -20.04 -5.43 -17.34
C PRO B 289 -20.55 -5.93 -18.70
N THR B 290 -20.96 -5.03 -19.59
CA THR B 290 -21.50 -5.43 -20.88
C THR B 290 -20.43 -6.06 -21.76
N LEU B 291 -19.16 -5.84 -21.39
CA LEU B 291 -18.06 -6.42 -22.15
C LEU B 291 -17.79 -7.86 -21.77
N PHE B 292 -18.26 -8.29 -20.61
CA PHE B 292 -18.04 -9.66 -20.17
C PHE B 292 -18.69 -10.65 -21.15
N SER B 293 -19.61 -10.12 -21.95
CA SER B 293 -20.26 -10.87 -23.02
C SER B 293 -19.25 -11.42 -24.03
N PHE B 294 -18.40 -10.54 -24.56
CA PHE B 294 -17.46 -10.90 -25.61
C PHE B 294 -16.32 -11.78 -25.10
N PHE B 295 -16.34 -12.08 -23.80
CA PHE B 295 -15.33 -12.96 -23.21
C PHE B 295 -16.00 -14.15 -22.56
N ALA B 296 -17.32 -14.03 -22.37
CA ALA B 296 -18.10 -14.97 -21.58
C ALA B 296 -17.57 -16.40 -21.69
N LYS B 297 -17.68 -16.97 -22.88
CA LYS B 297 -17.17 -18.30 -23.13
C LYS B 297 -16.40 -18.35 -24.45
N SER B 298 -16.11 -17.17 -25.01
CA SER B 298 -15.49 -17.11 -26.32
C SER B 298 -14.11 -17.76 -26.31
N THR B 299 -13.77 -18.38 -27.44
CA THR B 299 -12.61 -19.26 -27.57
C THR B 299 -11.34 -18.51 -27.97
N LEU B 300 -11.45 -17.19 -28.15
CA LEU B 300 -10.31 -16.39 -28.61
C LEU B 300 -9.25 -16.24 -27.53
N ILE B 301 -9.70 -16.14 -26.28
CA ILE B 301 -8.84 -15.86 -25.13
C ILE B 301 -7.61 -16.77 -25.01
N ASP B 302 -7.79 -18.05 -25.31
CA ASP B 302 -6.73 -19.02 -25.06
C ASP B 302 -5.56 -18.84 -26.01
N LYS B 303 -5.81 -18.17 -27.14
CA LYS B 303 -4.83 -18.01 -28.20
C LYS B 303 -3.76 -16.98 -27.84
N TYR B 304 -4.02 -16.17 -26.81
CA TYR B 304 -3.08 -15.11 -26.44
C TYR B 304 -2.36 -15.40 -25.13
N ASP B 305 -1.11 -14.98 -25.04
CA ASP B 305 -0.41 -15.06 -23.78
C ASP B 305 -0.90 -13.92 -22.86
N LEU B 306 -1.67 -14.29 -21.83
CA LEU B 306 -2.21 -13.31 -20.89
C LEU B 306 -1.64 -13.49 -19.49
N SER B 307 -0.45 -14.06 -19.40
CA SER B 307 0.11 -14.42 -18.09
C SER B 307 0.51 -13.22 -17.23
N ASN B 308 0.48 -12.03 -17.81
CA ASN B 308 0.83 -10.83 -17.05
C ASN B 308 -0.36 -10.19 -16.35
N LEU B 309 -1.56 -10.58 -16.78
CA LEU B 309 -2.78 -10.00 -16.26
C LEU B 309 -3.05 -10.49 -14.83
N HIS B 310 -3.07 -9.57 -13.88
CA HIS B 310 -3.25 -9.88 -12.45
CA HIS B 310 -3.30 -9.98 -12.50
C HIS B 310 -4.66 -9.51 -11.97
N GLU B 311 -5.29 -8.60 -12.68
CA GLU B 311 -6.57 -8.07 -12.21
C GLU B 311 -7.50 -7.67 -13.35
N ILE B 312 -8.76 -8.08 -13.22
CA ILE B 312 -9.81 -7.53 -14.05
C ILE B 312 -10.82 -6.83 -13.16
N ALA B 313 -11.04 -5.56 -13.45
CA ALA B 313 -11.89 -4.73 -12.62
C ALA B 313 -13.12 -4.31 -13.41
N SER B 314 -14.23 -4.22 -12.71
CA SER B 314 -15.50 -3.84 -13.30
C SER B 314 -16.18 -2.80 -12.42
N GLY B 315 -16.95 -1.91 -13.04
CA GLY B 315 -17.82 -1.02 -12.28
C GLY B 315 -18.88 -0.42 -13.19
N GLY B 316 -19.72 0.44 -12.62
CA GLY B 316 -20.67 1.20 -13.41
C GLY B 316 -22.03 0.57 -13.53
N ALA B 317 -22.12 -0.72 -13.23
CA ALA B 317 -23.36 -1.46 -13.38
C ALA B 317 -23.22 -2.86 -12.80
N PRO B 318 -24.35 -3.49 -12.52
CA PRO B 318 -24.42 -4.80 -11.87
C PRO B 318 -23.68 -5.86 -12.65
N LEU B 319 -22.71 -6.52 -12.01
CA LEU B 319 -22.02 -7.63 -12.64
C LEU B 319 -22.61 -8.95 -12.15
N SER B 320 -23.06 -9.77 -13.09
CA SER B 320 -23.58 -11.10 -12.76
C SER B 320 -22.51 -11.91 -12.04
N LYS B 321 -22.84 -12.39 -10.85
CA LYS B 321 -21.93 -13.25 -10.11
C LYS B 321 -21.42 -14.42 -10.95
N GLU B 322 -22.33 -15.09 -11.65
CA GLU B 322 -21.97 -16.26 -12.45
C GLU B 322 -21.06 -15.85 -13.60
N VAL B 323 -21.45 -14.80 -14.31
CA VAL B 323 -20.62 -14.31 -15.41
C VAL B 323 -19.25 -13.90 -14.87
N GLY B 324 -19.25 -13.18 -13.75
CA GLY B 324 -18.02 -12.71 -13.14
C GLY B 324 -17.06 -13.84 -12.79
N GLU B 325 -17.59 -14.91 -12.21
CA GLU B 325 -16.76 -16.07 -11.86
C GLU B 325 -16.38 -16.89 -13.09
N ALA B 326 -17.29 -16.98 -14.05
CA ALA B 326 -16.96 -17.67 -15.30
C ALA B 326 -15.82 -16.96 -16.02
N VAL B 327 -15.93 -15.64 -16.17
CA VAL B 327 -14.92 -14.88 -16.89
C VAL B 327 -13.60 -14.91 -16.14
N ALA B 328 -13.67 -14.87 -14.82
CA ALA B 328 -12.48 -14.94 -14.00
C ALA B 328 -11.70 -16.23 -14.29
N LYS B 329 -12.41 -17.35 -14.35
CA LYS B 329 -11.77 -18.64 -14.62
C LYS B 329 -11.03 -18.59 -15.96
N ARG B 330 -11.73 -18.20 -17.01
CA ARG B 330 -11.14 -18.11 -18.35
C ARG B 330 -9.86 -17.26 -18.39
N PHE B 331 -9.81 -16.18 -17.61
CA PHE B 331 -8.59 -15.37 -17.59
C PHE B 331 -7.64 -15.80 -16.50
N HIS B 332 -7.99 -16.89 -15.82
CA HIS B 332 -7.14 -17.45 -14.77
C HIS B 332 -6.96 -16.50 -13.61
N LEU B 333 -8.06 -15.89 -13.18
CA LEU B 333 -8.05 -15.00 -12.02
C LEU B 333 -8.98 -15.52 -10.95
N PRO B 334 -8.69 -15.18 -9.68
CA PRO B 334 -9.42 -15.54 -8.46
C PRO B 334 -10.75 -14.80 -8.30
N GLY B 335 -11.04 -13.85 -9.18
CA GLY B 335 -12.28 -13.08 -9.08
C GLY B 335 -12.25 -11.79 -9.89
N ILE B 336 -13.30 -10.99 -9.76
CA ILE B 336 -13.35 -9.68 -10.42
C ILE B 336 -13.30 -8.57 -9.36
N ARG B 337 -12.33 -7.68 -9.48
CA ARG B 337 -12.25 -6.52 -8.60
C ARG B 337 -13.42 -5.60 -8.91
N GLN B 338 -14.15 -5.17 -7.91
CA GLN B 338 -15.30 -4.31 -8.16
C GLN B 338 -15.18 -2.96 -7.51
N GLY B 339 -15.84 -1.98 -8.13
CA GLY B 339 -16.06 -0.70 -7.49
C GLY B 339 -17.47 -0.25 -7.82
N TYR B 340 -18.11 0.34 -6.83
CA TYR B 340 -19.42 0.95 -7.00
C TYR B 340 -19.35 2.42 -6.62
N GLY B 341 -19.83 3.29 -7.51
CA GLY B 341 -19.99 4.69 -7.19
C GLY B 341 -21.07 5.40 -7.99
N LEU B 342 -21.26 6.68 -7.72
CA LEU B 342 -22.15 7.54 -8.51
C LEU B 342 -21.37 8.75 -8.97
N THR B 343 -21.78 9.33 -10.09
CA THR B 343 -21.17 10.58 -10.53
C THR B 343 -21.15 11.59 -9.38
N GLU B 344 -22.23 11.60 -8.60
CA GLU B 344 -22.37 12.51 -7.45
C GLU B 344 -21.46 12.18 -6.25
N THR B 345 -20.80 11.02 -6.26
CA THR B 345 -19.82 10.69 -5.21
C THR B 345 -18.39 10.72 -5.76
N THR B 346 -18.25 11.31 -6.95
CA THR B 346 -16.96 11.43 -7.64
C THR B 346 -16.46 10.11 -8.20
N SER B 347 -16.19 9.15 -7.32
CA SER B 347 -15.62 7.86 -7.73
C SER B 347 -16.23 6.75 -6.91
N ALA B 348 -15.65 5.54 -6.94
CA ALA B 348 -16.24 4.44 -6.19
C ALA B 348 -16.10 4.65 -4.70
N ILE B 349 -17.17 4.38 -3.96
CA ILE B 349 -17.11 4.46 -2.50
C ILE B 349 -17.34 3.10 -1.87
N LEU B 350 -17.61 2.09 -2.69
CA LEU B 350 -17.54 0.69 -2.26
C LEU B 350 -16.57 0.03 -3.20
N ILE B 351 -15.53 -0.59 -2.65
CA ILE B 351 -14.48 -1.19 -3.46
C ILE B 351 -14.03 -2.51 -2.86
N THR B 352 -13.80 -3.50 -3.73
CA THR B 352 -13.23 -4.79 -3.35
C THR B 352 -11.84 -4.61 -2.71
N PRO B 353 -11.71 -4.83 -1.40
CA PRO B 353 -10.39 -4.66 -0.80
C PRO B 353 -9.43 -5.71 -1.33
N GLU B 354 -8.20 -5.31 -1.61
CA GLU B 354 -7.19 -6.27 -2.05
C GLU B 354 -7.05 -7.36 -0.96
N GLY B 355 -7.15 -8.62 -1.37
CA GLY B 355 -7.07 -9.74 -0.43
C GLY B 355 -8.28 -9.92 0.49
N ASP B 356 -9.47 -9.55 0.02
CA ASP B 356 -10.66 -9.56 0.87
C ASP B 356 -11.90 -9.58 -0.01
N ASP B 357 -11.82 -10.27 -1.14
CA ASP B 357 -12.94 -10.30 -2.07
C ASP B 357 -14.01 -11.32 -1.65
N LYS B 358 -15.21 -11.16 -2.18
CA LYS B 358 -16.35 -12.01 -1.88
C LYS B 358 -17.26 -12.06 -3.10
N PRO B 359 -17.49 -13.27 -3.65
CA PRO B 359 -18.25 -13.42 -4.89
C PRO B 359 -19.65 -12.82 -4.81
N GLY B 360 -19.98 -11.94 -5.75
CA GLY B 360 -21.27 -11.25 -5.76
C GLY B 360 -21.23 -9.85 -5.15
N ALA B 361 -20.33 -9.65 -4.18
CA ALA B 361 -20.27 -8.39 -3.44
C ALA B 361 -19.51 -7.30 -4.20
N VAL B 362 -19.89 -6.04 -4.04
CA VAL B 362 -19.13 -5.00 -4.71
C VAL B 362 -17.99 -4.49 -3.84
N GLY B 363 -17.83 -5.08 -2.67
CA GLY B 363 -16.72 -4.70 -1.79
C GLY B 363 -17.12 -4.02 -0.48
N LYS B 364 -16.26 -3.11 -0.03
CA LYS B 364 -16.39 -2.54 1.30
C LYS B 364 -16.29 -1.03 1.24
N VAL B 365 -16.73 -0.37 2.30
CA VAL B 365 -16.72 1.10 2.34
C VAL B 365 -15.29 1.64 2.33
N VAL B 366 -15.01 2.57 1.42
CA VAL B 366 -13.68 3.17 1.29
C VAL B 366 -13.33 4.08 2.48
N PRO B 367 -12.03 4.28 2.72
CA PRO B 367 -11.60 5.22 3.76
C PRO B 367 -12.26 6.60 3.58
N PHE B 368 -12.58 7.24 4.69
CA PHE B 368 -13.23 8.55 4.75
C PHE B 368 -14.75 8.47 4.56
N PHE B 369 -15.27 7.32 4.16
CA PHE B 369 -16.72 7.24 3.95
C PHE B 369 -17.48 6.43 5.00
N GLU B 370 -18.78 6.65 5.02
CA GLU B 370 -19.73 5.83 5.79
C GLU B 370 -20.84 5.38 4.86
N ALA B 371 -21.48 4.27 5.22
CA ALA B 371 -22.66 3.82 4.49
C ALA B 371 -23.65 3.13 5.42
N LYS B 372 -24.94 3.24 5.08
CA LYS B 372 -25.98 2.53 5.80
C LYS B 372 -27.03 2.14 4.78
N VAL B 373 -27.91 1.22 5.15
CA VAL B 373 -29.06 0.94 4.30
C VAL B 373 -30.30 1.20 5.12
N VAL B 374 -31.30 1.80 4.48
CA VAL B 374 -32.44 2.28 5.24
C VAL B 374 -33.75 1.68 4.75
N ASP B 375 -34.70 1.55 5.69
CA ASP B 375 -36.01 1.00 5.38
C ASP B 375 -36.73 1.85 4.33
N LEU B 376 -37.30 1.21 3.31
CA LEU B 376 -37.88 1.93 2.18
C LEU B 376 -39.10 2.74 2.63
N ASP B 377 -39.76 2.27 3.67
CA ASP B 377 -40.99 2.90 4.13
C ASP B 377 -40.74 3.92 5.25
N THR B 378 -39.90 3.57 6.21
CA THR B 378 -39.68 4.42 7.37
C THR B 378 -38.38 5.21 7.34
N GLY B 379 -37.42 4.76 6.55
CA GLY B 379 -36.14 5.44 6.46
C GLY B 379 -35.23 5.16 7.64
N LYS B 380 -35.66 4.25 8.51
CA LYS B 380 -34.84 3.84 9.64
C LYS B 380 -33.64 3.03 9.17
N THR B 381 -32.55 3.11 9.92
CA THR B 381 -31.35 2.34 9.63
C THR B 381 -31.55 0.85 9.91
N LEU B 382 -31.29 0.02 8.91
CA LEU B 382 -31.41 -1.41 9.04
C LEU B 382 -30.12 -2.07 9.53
N GLY B 383 -30.24 -3.27 10.09
CA GLY B 383 -29.08 -4.03 10.53
C GLY B 383 -28.54 -4.99 9.48
N VAL B 384 -27.74 -5.95 9.93
CA VAL B 384 -26.98 -6.80 9.03
C VAL B 384 -27.89 -7.69 8.17
N ASN B 385 -27.49 -7.90 6.91
CA ASN B 385 -28.24 -8.75 5.95
C ASN B 385 -29.70 -8.37 5.76
N GLN B 386 -29.98 -7.07 5.81
CA GLN B 386 -31.33 -6.58 5.56
C GLN B 386 -31.33 -5.55 4.42
N ARG B 387 -32.25 -5.75 3.47
CA ARG B 387 -32.23 -5.01 2.21
C ARG B 387 -32.95 -3.69 2.36
N GLY B 388 -32.32 -2.64 1.84
CA GLY B 388 -32.85 -1.30 1.99
C GLY B 388 -32.17 -0.36 1.03
N GLU B 389 -32.49 0.93 1.11
CA GLU B 389 -31.83 1.89 0.24
C GLU B 389 -30.44 2.24 0.77
N LEU B 390 -29.45 2.08 -0.09
CA LEU B 390 -28.07 2.40 0.23
C LEU B 390 -27.88 3.92 0.34
N CYS B 391 -27.43 4.38 1.51
CA CYS B 391 -27.06 5.79 1.69
C CYS B 391 -25.58 5.91 2.05
N VAL B 392 -24.91 6.92 1.49
CA VAL B 392 -23.48 7.08 1.78
C VAL B 392 -23.17 8.54 2.14
N ARG B 393 -22.07 8.71 2.88
CA ARG B 393 -21.67 9.99 3.43
C ARG B 393 -20.14 10.03 3.52
N GLY B 394 -19.54 11.09 2.97
CA GLY B 394 -18.09 11.22 2.99
C GLY B 394 -17.61 12.35 2.10
N PRO B 395 -16.31 12.64 2.13
CA PRO B 395 -15.82 13.89 1.54
C PRO B 395 -15.60 13.87 -0.01
N MET B 396 -16.10 12.86 -0.72
CA MET B 396 -16.11 12.90 -2.18
C MET B 396 -17.49 13.25 -2.74
N ILE B 397 -18.47 13.45 -1.86
CA ILE B 397 -19.80 13.82 -2.34
C ILE B 397 -19.76 15.21 -2.95
N MET B 398 -20.38 15.35 -4.12
CA MET B 398 -20.47 16.63 -4.81
C MET B 398 -20.89 17.77 -3.89
N SER B 399 -20.45 18.97 -4.23
CA SER B 399 -20.90 20.14 -3.47
C SER B 399 -22.36 20.47 -3.82
N GLY B 400 -22.83 20.03 -4.98
CA GLY B 400 -24.24 20.18 -5.35
C GLY B 400 -24.42 20.17 -6.85
N TYR B 401 -25.65 20.02 -7.31
CA TYR B 401 -25.94 20.13 -8.74
C TYR B 401 -25.86 21.60 -9.11
N VAL B 402 -25.21 21.91 -10.22
CA VAL B 402 -25.01 23.31 -10.58
C VAL B 402 -26.35 24.04 -10.76
N ASN B 403 -26.54 25.12 -10.02
CA ASN B 403 -27.74 25.95 -10.14
C ASN B 403 -29.03 25.16 -10.02
N ASN B 404 -29.02 24.12 -9.18
CA ASN B 404 -30.24 23.33 -8.94
C ASN B 404 -30.25 22.79 -7.52
N PRO B 405 -30.48 23.68 -6.53
CA PRO B 405 -30.46 23.25 -5.12
C PRO B 405 -31.63 22.33 -4.78
N GLU B 406 -32.72 22.41 -5.53
CA GLU B 406 -33.87 21.53 -5.27
C GLU B 406 -33.49 20.09 -5.52
N ALA B 407 -32.86 19.83 -6.67
CA ALA B 407 -32.44 18.47 -7.00
C ALA B 407 -31.38 18.01 -6.02
N THR B 408 -30.51 18.94 -5.60
CA THR B 408 -29.52 18.65 -4.57
C THR B 408 -30.19 18.17 -3.28
N ASN B 409 -31.15 18.94 -2.78
CA ASN B 409 -31.80 18.62 -1.52
C ASN B 409 -32.67 17.38 -1.59
N ALA B 410 -33.12 17.03 -2.79
CA ALA B 410 -33.88 15.80 -2.97
C ALA B 410 -32.99 14.55 -2.92
N LEU B 411 -31.70 14.71 -3.22
CA LEU B 411 -30.75 13.59 -3.23
C LEU B 411 -30.01 13.39 -1.89
N ILE B 412 -29.62 14.49 -1.29
CA ILE B 412 -28.81 14.48 -0.09
C ILE B 412 -29.65 15.01 1.07
N ASP B 413 -29.76 14.24 2.15
CA ASP B 413 -30.69 14.67 3.20
C ASP B 413 -29.99 15.63 4.18
N LYS B 414 -30.75 16.10 5.16
CA LYS B 414 -30.28 17.10 6.13
C LYS B 414 -29.01 16.67 6.87
N ASP B 415 -28.82 15.37 7.01
CA ASP B 415 -27.70 14.83 7.77
C ASP B 415 -26.50 14.52 6.90
N GLY B 416 -26.57 14.91 5.64
CA GLY B 416 -25.46 14.71 4.72
C GLY B 416 -25.45 13.37 4.00
N TRP B 417 -26.49 12.57 4.20
CA TRP B 417 -26.54 11.27 3.52
C TRP B 417 -27.03 11.41 2.09
N LEU B 418 -26.24 10.93 1.14
CA LEU B 418 -26.69 10.85 -0.22
C LEU B 418 -27.51 9.56 -0.37
N HIS B 419 -28.76 9.70 -0.82
CA HIS B 419 -29.64 8.55 -1.03
C HIS B 419 -29.46 8.05 -2.47
N SER B 420 -28.93 6.84 -2.60
CA SER B 420 -28.41 6.36 -3.88
C SER B 420 -29.47 5.95 -4.88
N GLY B 421 -30.67 5.67 -4.38
CA GLY B 421 -31.67 5.03 -5.23
C GLY B 421 -31.41 3.54 -5.50
N ASP B 422 -30.37 2.98 -4.87
CA ASP B 422 -30.05 1.56 -5.05
C ASP B 422 -30.49 0.73 -3.84
N ILE B 423 -30.98 -0.47 -4.09
CA ILE B 423 -31.25 -1.43 -3.01
C ILE B 423 -29.98 -2.23 -2.72
N ALA B 424 -29.64 -2.36 -1.45
CA ALA B 424 -28.44 -3.10 -1.08
C ALA B 424 -28.55 -3.67 0.33
N TYR B 425 -27.59 -4.51 0.71
CA TYR B 425 -27.44 -4.96 2.09
C TYR B 425 -25.94 -5.20 2.38
N TRP B 426 -25.56 -5.23 3.65
CA TRP B 426 -24.18 -5.58 4.03
C TRP B 426 -24.19 -6.82 4.93
N ASP B 427 -23.13 -7.64 4.86
CA ASP B 427 -23.12 -8.87 5.65
C ASP B 427 -22.24 -8.77 6.88
N GLU B 428 -22.04 -9.88 7.56
CA GLU B 428 -21.37 -9.90 8.85
C GLU B 428 -19.89 -9.51 8.76
N ASP B 429 -19.34 -9.55 7.55
CA ASP B 429 -17.97 -9.13 7.32
C ASP B 429 -17.87 -7.71 6.75
N GLU B 430 -19.02 -7.03 6.67
CA GLU B 430 -19.13 -5.67 6.12
C GLU B 430 -18.90 -5.62 4.60
N HIS B 431 -19.15 -6.73 3.91
CA HIS B 431 -19.19 -6.69 2.44
C HIS B 431 -20.56 -6.22 1.99
N PHE B 432 -20.56 -5.34 1.00
CA PHE B 432 -21.81 -4.83 0.42
C PHE B 432 -22.18 -5.55 -0.87
N PHE B 433 -23.49 -5.71 -1.04
CA PHE B 433 -24.08 -6.34 -2.20
C PHE B 433 -25.10 -5.36 -2.76
N ILE B 434 -24.99 -5.04 -4.05
CA ILE B 434 -25.99 -4.21 -4.70
C ILE B 434 -27.05 -5.12 -5.31
N VAL B 435 -28.32 -4.88 -5.02
CA VAL B 435 -29.38 -5.71 -5.58
C VAL B 435 -29.87 -5.17 -6.92
N ASP B 436 -30.25 -3.90 -6.94
CA ASP B 436 -30.74 -3.24 -8.15
C ASP B 436 -31.22 -1.83 -7.83
N ARG B 437 -31.62 -1.11 -8.88
CA ARG B 437 -32.29 0.17 -8.71
C ARG B 437 -33.59 0.00 -7.95
N LEU B 438 -33.79 0.83 -6.94
CA LEU B 438 -35.05 0.86 -6.20
C LEU B 438 -36.26 0.96 -7.15
N LYS B 439 -36.14 1.83 -8.15
CA LYS B 439 -37.24 2.07 -9.07
C LYS B 439 -37.40 0.96 -10.10
N SER B 440 -36.43 0.04 -10.17
CA SER B 440 -36.52 -1.05 -11.12
C SER B 440 -37.25 -2.25 -10.49
N LEU B 441 -37.45 -2.18 -9.18
CA LEU B 441 -38.08 -3.28 -8.46
C LEU B 441 -39.48 -3.54 -8.97
N ILE B 442 -39.76 -4.81 -9.28
CA ILE B 442 -41.07 -5.19 -9.78
C ILE B 442 -41.94 -5.68 -8.63
N LYS B 443 -43.08 -5.04 -8.42
CA LYS B 443 -43.97 -5.44 -7.35
C LYS B 443 -45.12 -6.29 -7.86
N TYR B 444 -44.91 -7.61 -7.85
CA TYR B 444 -45.95 -8.57 -8.21
C TYR B 444 -46.70 -8.99 -6.95
N LYS B 445 -47.93 -8.50 -6.81
CA LYS B 445 -48.69 -8.69 -5.59
C LYS B 445 -47.90 -8.10 -4.43
N GLY B 446 -47.58 -8.90 -3.44
CA GLY B 446 -46.88 -8.39 -2.28
C GLY B 446 -45.37 -8.45 -2.37
N TYR B 447 -44.87 -9.09 -3.42
CA TYR B 447 -43.46 -9.45 -3.49
C TYR B 447 -42.66 -8.54 -4.42
N GLN B 448 -41.42 -8.25 -4.05
CA GLN B 448 -40.57 -7.42 -4.89
C GLN B 448 -39.52 -8.26 -5.57
N VAL B 449 -39.59 -8.33 -6.90
CA VAL B 449 -38.61 -9.07 -7.68
C VAL B 449 -37.69 -8.10 -8.37
N ALA B 450 -36.40 -8.39 -8.33
CA ALA B 450 -35.40 -7.54 -8.95
C ALA B 450 -35.03 -8.08 -10.31
N PRO B 451 -35.22 -7.24 -11.33
CA PRO B 451 -34.91 -7.51 -12.74
C PRO B 451 -33.54 -8.17 -12.88
N ALA B 452 -32.62 -7.70 -12.08
CA ALA B 452 -31.26 -8.15 -12.11
C ALA B 452 -31.21 -9.62 -11.93
N GLU B 453 -32.07 -10.12 -11.06
CA GLU B 453 -32.04 -11.53 -10.75
C GLU B 453 -32.47 -12.37 -11.94
N LEU B 454 -33.62 -12.08 -12.51
CA LEU B 454 -34.13 -12.85 -13.63
C LEU B 454 -33.25 -12.67 -14.86
N GLU B 455 -32.71 -11.49 -15.03
CA GLU B 455 -31.79 -11.26 -16.13
C GLU B 455 -30.59 -12.19 -16.04
N SER B 456 -30.06 -12.37 -14.82
CA SER B 456 -28.95 -13.29 -14.61
C SER B 456 -29.33 -14.73 -14.97
N ILE B 457 -30.55 -15.15 -14.62
CA ILE B 457 -31.03 -16.49 -14.96
C ILE B 457 -31.21 -16.72 -16.46
N LEU B 458 -31.81 -15.75 -17.14
CA LEU B 458 -32.00 -15.85 -18.58
C LEU B 458 -30.65 -15.98 -19.27
N LEU B 459 -29.71 -15.14 -18.87
CA LEU B 459 -28.37 -15.14 -19.48
C LEU B 459 -27.71 -16.50 -19.36
N GLN B 460 -28.03 -17.24 -18.28
CA GLN B 460 -27.46 -18.56 -18.06
C GLN B 460 -27.89 -19.56 -19.13
N HIS B 461 -29.02 -19.31 -19.79
CA HIS B 461 -29.47 -20.24 -20.82
C HIS B 461 -28.59 -20.10 -22.06
N PRO B 462 -28.23 -21.25 -22.66
CA PRO B 462 -27.38 -21.34 -23.86
C PRO B 462 -27.90 -20.50 -25.02
N ASN B 463 -29.17 -20.66 -25.36
CA ASN B 463 -29.77 -19.99 -26.51
C ASN B 463 -29.91 -18.48 -26.39
N ILE B 464 -29.68 -17.94 -25.21
CA ILE B 464 -30.00 -16.55 -24.93
C ILE B 464 -28.76 -15.68 -24.83
N PHE B 465 -28.54 -14.84 -25.84
CA PHE B 465 -27.38 -13.98 -25.86
C PHE B 465 -27.46 -12.84 -24.85
N ASP B 466 -28.66 -12.30 -24.65
CA ASP B 466 -28.80 -11.14 -23.77
C ASP B 466 -30.26 -10.92 -23.40
N ALA B 467 -30.49 -10.21 -22.30
CA ALA B 467 -31.84 -10.03 -21.81
C ALA B 467 -31.98 -8.85 -20.86
N GLY B 468 -33.14 -8.22 -20.92
CA GLY B 468 -33.48 -7.15 -20.00
C GLY B 468 -34.84 -7.48 -19.43
N VAL B 469 -35.00 -7.30 -18.13
CA VAL B 469 -36.25 -7.59 -17.46
C VAL B 469 -36.85 -6.34 -16.85
N ALA B 470 -38.16 -6.21 -16.96
CA ALA B 470 -38.87 -5.10 -16.38
C ALA B 470 -40.28 -5.54 -16.03
N GLY B 471 -40.98 -4.66 -15.33
CA GLY B 471 -42.29 -4.99 -14.83
C GLY B 471 -43.38 -4.52 -15.78
N LEU B 472 -44.28 -5.43 -16.11
CA LEU B 472 -45.40 -5.11 -16.99
C LEU B 472 -46.61 -4.80 -16.13
N PRO B 473 -47.22 -3.63 -16.33
CA PRO B 473 -48.37 -3.18 -15.54
C PRO B 473 -49.53 -4.16 -15.59
N ASP B 474 -49.99 -4.63 -14.44
CA ASP B 474 -51.16 -5.47 -14.41
C ASP B 474 -52.21 -4.93 -13.45
N ASP B 475 -53.48 -5.04 -13.86
CA ASP B 475 -54.61 -4.62 -13.05
C ASP B 475 -54.55 -5.16 -11.61
N ASP B 476 -54.55 -6.48 -11.49
CA ASP B 476 -54.71 -7.14 -10.20
C ASP B 476 -53.42 -7.27 -9.38
N ALA B 477 -52.38 -7.86 -9.96
CA ALA B 477 -51.16 -8.18 -9.22
C ALA B 477 -50.15 -7.03 -9.17
N GLY B 478 -50.54 -5.87 -9.68
CA GLY B 478 -49.63 -4.74 -9.77
C GLY B 478 -48.77 -4.82 -11.04
N GLU B 479 -47.74 -5.66 -11.00
CA GLU B 479 -46.86 -5.85 -12.15
C GLU B 479 -46.46 -7.31 -12.36
N LEU B 480 -46.25 -7.69 -13.61
CA LEU B 480 -45.71 -9.01 -13.94
C LEU B 480 -44.31 -8.85 -14.52
N PRO B 481 -43.36 -9.71 -14.08
CA PRO B 481 -42.04 -9.69 -14.71
C PRO B 481 -42.09 -10.11 -16.18
N ALA B 482 -41.44 -9.34 -17.05
CA ALA B 482 -41.37 -9.64 -18.46
C ALA B 482 -39.96 -9.32 -18.96
N ALA B 483 -39.58 -9.86 -20.12
CA ALA B 483 -38.21 -9.70 -20.60
C ALA B 483 -38.12 -9.46 -22.10
N VAL B 484 -37.25 -8.53 -22.48
CA VAL B 484 -36.81 -8.47 -23.86
C VAL B 484 -35.64 -9.44 -23.96
N VAL B 485 -35.66 -10.27 -25.00
CA VAL B 485 -34.66 -11.33 -25.15
C VAL B 485 -33.99 -11.30 -26.51
N VAL B 486 -32.66 -11.36 -26.50
CA VAL B 486 -31.92 -11.56 -27.72
C VAL B 486 -31.50 -13.02 -27.82
N LEU B 487 -32.01 -13.74 -28.80
CA LEU B 487 -31.60 -15.12 -29.00
C LEU B 487 -30.20 -15.17 -29.58
N GLU B 488 -29.47 -16.24 -29.27
CA GLU B 488 -28.17 -16.46 -29.88
C GLU B 488 -28.34 -16.74 -31.38
N HIS B 489 -27.35 -16.34 -32.16
CA HIS B 489 -27.38 -16.56 -33.60
C HIS B 489 -27.52 -18.05 -33.92
N GLY B 490 -28.57 -18.41 -34.64
CA GLY B 490 -28.79 -19.78 -35.05
C GLY B 490 -29.77 -20.55 -34.17
N LYS B 491 -29.84 -20.18 -32.90
CA LYS B 491 -30.68 -20.90 -31.95
C LYS B 491 -32.16 -20.56 -32.14
N THR B 492 -33.03 -21.48 -31.74
CA THR B 492 -34.47 -21.22 -31.75
C THR B 492 -35.11 -21.53 -30.38
N MET B 493 -36.04 -20.67 -29.94
CA MET B 493 -36.73 -20.86 -28.67
C MET B 493 -37.99 -19.99 -28.65
N THR B 494 -39.14 -20.57 -28.30
CA THR B 494 -40.38 -19.81 -28.23
C THR B 494 -40.52 -19.06 -26.91
N GLU B 495 -41.54 -18.21 -26.84
CA GLU B 495 -41.83 -17.50 -25.61
C GLU B 495 -42.22 -18.45 -24.50
N LYS B 496 -43.10 -19.39 -24.81
CA LYS B 496 -43.57 -20.35 -23.81
C LYS B 496 -42.39 -21.18 -23.29
N GLU B 497 -41.44 -21.47 -24.18
CA GLU B 497 -40.26 -22.26 -23.80
C GLU B 497 -39.39 -21.48 -22.83
N ILE B 498 -39.31 -20.17 -23.02
CA ILE B 498 -38.50 -19.34 -22.15
C ILE B 498 -39.20 -19.12 -20.82
N VAL B 499 -40.52 -18.91 -20.85
CA VAL B 499 -41.29 -18.72 -19.62
C VAL B 499 -41.25 -19.97 -18.76
N ASP B 500 -41.32 -21.13 -19.41
CA ASP B 500 -41.28 -22.40 -18.72
C ASP B 500 -39.89 -22.70 -18.15
N TYR B 501 -38.83 -22.27 -18.85
CA TYR B 501 -37.48 -22.44 -18.33
C TYR B 501 -37.29 -21.63 -17.05
N VAL B 502 -37.80 -20.41 -17.04
CA VAL B 502 -37.66 -19.57 -15.87
C VAL B 502 -38.42 -20.19 -14.70
N ALA B 503 -39.61 -20.72 -14.97
CA ALA B 503 -40.40 -21.36 -13.94
C ALA B 503 -39.64 -22.54 -13.34
N SER B 504 -38.69 -23.09 -14.09
CA SER B 504 -37.93 -24.25 -13.64
C SER B 504 -36.72 -23.88 -12.80
N GLN B 505 -36.47 -22.58 -12.64
CA GLN B 505 -35.27 -22.13 -11.97
C GLN B 505 -35.56 -21.20 -10.78
N VAL B 506 -36.78 -20.72 -10.69
CA VAL B 506 -37.07 -19.68 -9.71
C VAL B 506 -38.26 -20.02 -8.83
N THR B 507 -38.38 -19.29 -7.73
CA THR B 507 -39.54 -19.39 -6.86
C THR B 507 -40.78 -18.93 -7.62
N THR B 508 -41.95 -19.17 -7.04
CA THR B 508 -43.20 -18.93 -7.73
C THR B 508 -43.44 -17.44 -7.94
N ALA B 509 -42.95 -16.64 -7.00
CA ALA B 509 -43.22 -15.21 -7.03
C ALA B 509 -42.44 -14.52 -8.15
N LYS B 510 -41.36 -15.16 -8.60
CA LYS B 510 -40.44 -14.55 -9.55
C LYS B 510 -40.61 -15.08 -10.98
N LYS B 511 -41.72 -15.75 -11.23
CA LYS B 511 -42.04 -16.28 -12.56
C LYS B 511 -42.14 -15.17 -13.60
N LEU B 512 -41.69 -15.46 -14.82
CA LEU B 512 -41.77 -14.51 -15.92
C LEU B 512 -43.17 -14.44 -16.52
N ARG B 513 -44.13 -14.06 -15.69
CA ARG B 513 -45.54 -14.07 -16.08
C ARG B 513 -45.89 -13.08 -17.18
N GLY B 514 -45.08 -12.04 -17.33
CA GLY B 514 -45.35 -11.06 -18.37
C GLY B 514 -44.91 -11.53 -19.74
N GLY B 515 -44.14 -12.61 -19.78
CA GLY B 515 -43.69 -13.16 -21.03
C GLY B 515 -42.47 -12.46 -21.63
N VAL B 516 -42.32 -12.62 -22.94
CA VAL B 516 -41.12 -12.20 -23.65
C VAL B 516 -41.43 -11.39 -24.90
N VAL B 517 -40.58 -10.41 -25.17
CA VAL B 517 -40.56 -9.75 -26.47
C VAL B 517 -39.17 -9.94 -27.01
N PHE B 518 -39.07 -10.51 -28.21
CA PHE B 518 -37.76 -10.72 -28.81
C PHE B 518 -37.27 -9.44 -29.49
N VAL B 519 -36.00 -9.15 -29.30
CA VAL B 519 -35.38 -7.97 -29.87
C VAL B 519 -34.01 -8.36 -30.38
N ASP B 520 -33.44 -7.53 -31.24
CA ASP B 520 -32.09 -7.81 -31.71
CA ASP B 520 -32.09 -7.75 -31.75
C ASP B 520 -31.07 -7.25 -30.73
N GLU B 521 -31.49 -6.35 -29.87
CA GLU B 521 -30.55 -5.67 -29.01
C GLU B 521 -31.22 -5.12 -27.76
N VAL B 522 -30.72 -5.51 -26.58
CA VAL B 522 -31.14 -4.91 -25.32
C VAL B 522 -30.53 -3.51 -25.20
N PRO B 523 -31.35 -2.49 -24.93
CA PRO B 523 -30.82 -1.11 -24.90
C PRO B 523 -30.00 -0.80 -23.66
N LYS B 524 -28.81 -0.22 -23.84
CA LYS B 524 -27.86 0.00 -22.74
C LYS B 524 -27.12 1.34 -22.79
N GLY B 525 -26.52 1.72 -21.66
CA GLY B 525 -25.70 2.91 -21.53
C GLY B 525 -24.22 2.60 -21.72
N LEU B 526 -23.39 3.64 -21.78
CA LEU B 526 -21.96 3.45 -22.08
C LEU B 526 -21.17 2.74 -20.98
N THR B 527 -21.75 2.59 -19.80
CA THR B 527 -21.07 1.84 -18.74
C THR B 527 -21.83 0.60 -18.32
N GLY B 528 -22.60 0.02 -19.24
CA GLY B 528 -23.27 -1.25 -19.00
C GLY B 528 -24.69 -1.18 -18.45
N LYS B 529 -25.16 0.03 -18.17
CA LYS B 529 -26.49 0.20 -17.60
C LYS B 529 -27.56 -0.16 -18.64
N LEU B 530 -28.39 -1.16 -18.34
CA LEU B 530 -29.53 -1.45 -19.19
C LEU B 530 -30.51 -0.29 -19.07
N ASP B 531 -31.06 0.16 -20.19
CA ASP B 531 -32.05 1.22 -20.13
C ASP B 531 -33.39 0.65 -19.68
N ALA B 532 -33.67 0.76 -18.38
CA ALA B 532 -34.89 0.21 -17.79
C ALA B 532 -36.14 0.79 -18.45
N ARG B 533 -36.11 2.08 -18.71
CA ARG B 533 -37.25 2.79 -19.25
C ARG B 533 -37.59 2.25 -20.64
N LYS B 534 -36.59 2.21 -21.51
CA LYS B 534 -36.78 1.73 -22.86
C LYS B 534 -37.26 0.29 -22.85
N ILE B 535 -36.64 -0.53 -22.02
CA ILE B 535 -37.02 -1.93 -21.91
C ILE B 535 -38.50 -2.05 -21.55
N ARG B 536 -38.92 -1.31 -20.55
CA ARG B 536 -40.29 -1.36 -20.05
C ARG B 536 -41.27 -0.88 -21.12
N GLU B 537 -40.86 0.12 -21.89
CA GLU B 537 -41.70 0.67 -22.94
C GLU B 537 -41.88 -0.33 -24.10
N ILE B 538 -40.79 -1.00 -24.50
CA ILE B 538 -40.87 -2.08 -25.48
C ILE B 538 -41.88 -3.16 -25.04
N LEU B 539 -41.80 -3.56 -23.77
CA LEU B 539 -42.66 -4.61 -23.21
C LEU B 539 -44.13 -4.20 -23.22
N ILE B 540 -44.40 -3.01 -22.68
CA ILE B 540 -45.75 -2.49 -22.63
C ILE B 540 -46.39 -2.29 -24.01
N LYS B 541 -45.66 -1.70 -24.94
CA LYS B 541 -46.21 -1.49 -26.26
C LYS B 541 -46.53 -2.83 -26.95
N ALA B 542 -45.70 -3.84 -26.71
CA ALA B 542 -45.89 -5.15 -27.33
C ALA B 542 -46.99 -5.96 -26.66
N LYS B 543 -46.96 -6.02 -25.33
CA LYS B 543 -47.84 -6.91 -24.58
C LYS B 543 -49.19 -6.30 -24.24
N LYS B 544 -49.27 -4.98 -24.22
CA LYS B 544 -50.52 -4.36 -23.81
C LYS B 544 -51.06 -3.39 -24.85
N GLY B 545 -50.17 -2.78 -25.64
CA GLY B 545 -50.60 -1.87 -26.69
C GLY B 545 -51.20 -0.63 -26.07
N GLY B 546 -52.31 -0.15 -26.64
CA GLY B 546 -53.02 1.00 -26.09
C GLY B 546 -53.61 0.67 -24.73
N LYS B 547 -53.75 1.69 -23.89
CA LYS B 547 -54.19 1.45 -22.51
C LYS B 547 -55.63 1.00 -22.43
N SER B 548 -55.85 -0.11 -21.72
CA SER B 548 -57.20 -0.56 -21.44
C SER B 548 -57.80 0.19 -20.25
N LYS B 549 -56.92 0.56 -19.32
CA LYS B 549 -57.31 1.21 -18.05
C LYS B 549 -56.27 2.25 -17.69
N LEU B 550 -56.66 3.20 -16.85
CA LEU B 550 -55.82 4.32 -16.37
C LEU B 550 -55.83 5.52 -17.32
O39 SLU C . 16.54 -9.06 17.93
C16 SLU C . 16.94 -9.51 16.89
C14 SLU C . 16.43 -9.00 15.62
N15 SLU C . 15.39 -8.18 15.56
C13 SLU C . 17.08 -9.38 14.47
S12 SLU C . 16.19 -8.54 13.24
C11 SLU C . 15.08 -7.78 14.36
C8 SLU C . 14.01 -6.91 13.97
S9 SLU C . 12.73 -6.33 15.05
C4 SLU C . 11.92 -5.42 13.79
C5 SLU C . 10.81 -4.64 13.80
C6 SLU C . 10.52 -3.90 12.67
O10 SLU C . 9.53 -2.97 12.75
C3 SLU C . 12.71 -5.62 12.62
N7 SLU C . 13.76 -6.42 12.78
C2 SLU C . 12.28 -4.99 11.43
C1 SLU C . 11.24 -4.11 11.49
N40 SLU C . 17.87 -10.47 16.82
S17 SLU C . 18.55 -11.13 18.15
O18 SLU C . 19.46 -10.15 18.66
O19 SLU C . 18.90 -12.43 17.71
O20 SLU C . 17.54 -11.29 19.29
C21 SLU C . 16.66 -12.36 18.98
C22 SLU C . 15.67 -12.49 20.15
C23 SLU C . 14.40 -13.31 19.85
O27 SLU C . 14.67 -14.71 20.00
C24 SLU C . 13.43 -12.81 20.94
O28 SLU C . 13.71 -13.47 22.18
C25 SLU C . 13.82 -11.32 21.09
O26 SLU C . 15.13 -11.18 20.49
N35 SLU C . 12.89 -10.44 20.38
C32 SLU C . 11.65 -10.05 20.81
N31 SLU C . 10.91 -10.31 21.90
C30 SLU C . 9.71 -9.78 22.04
N29 SLU C . 9.18 -8.97 21.14
C33 SLU C . 11.12 -9.19 19.82
C34 SLU C . 9.83 -8.65 20.02
N38 SLU C . 9.25 -7.81 19.08
N37 SLU C . 12.06 -9.13 18.84
C36 SLU C . 13.10 -9.85 19.15
C1 EDO D . 48.80 3.12 19.80
O1 EDO D . 47.66 3.46 19.00
C2 EDO D . 49.36 1.79 19.33
O2 EDO D . 48.34 0.78 19.45
O39 SLU E . -21.71 4.56 -12.54
C16 SLU E . -21.27 5.59 -12.02
C14 SLU E . -19.91 5.72 -11.47
N15 SLU E . -19.10 4.69 -11.32
C13 SLU E . -19.46 6.99 -11.10
S12 SLU E . -17.83 6.66 -10.54
C11 SLU E . -17.91 4.93 -10.82
C8 SLU E . -16.86 4.00 -10.58
S9 SLU E . -17.11 2.26 -10.66
C4 SLU E . -15.41 1.90 -10.29
C5 SLU E . -14.73 0.72 -10.16
C6 SLU E . -13.37 0.76 -9.93
O10 SLU E . -12.72 -0.42 -9.82
C3 SLU E . -14.79 3.16 -10.13
N7 SLU E . -15.59 4.21 -10.31
C2 SLU E . -13.40 3.16 -9.81
C1 SLU E . -12.71 1.99 -9.82
N40 SLU E . -21.98 6.71 -11.93
S17 SLU E . -23.51 6.83 -12.49
O18 SLU E . -23.34 6.81 -13.89
O19 SLU E . -24.08 7.88 -11.72
O20 SLU E . -24.26 5.54 -12.20
C21 SLU E . -24.52 5.43 -10.82
C22 SLU E . -25.30 4.09 -10.65
C23 SLU E . -25.41 3.58 -9.20
O27 SLU E . -26.51 4.21 -8.56
C24 SLU E . -25.65 2.07 -9.39
O28 SLU E . -27.02 1.82 -9.74
C25 SLU E . -24.82 1.75 -10.65
O26 SLU E . -24.60 3.01 -11.33
N35 SLU E . -23.54 1.05 -10.33
C32 SLU E . -23.40 -0.26 -9.99
N31 SLU E . -24.25 -1.25 -9.79
C30 SLU E . -23.81 -2.46 -9.43
N29 SLU E . -22.54 -2.73 -9.26
C33 SLU E . -22.02 -0.50 -9.81
C34 SLU E . -21.61 -1.79 -9.44
N38 SLU E . -20.27 -2.11 -9.26
N37 SLU E . -21.37 0.67 -10.07
C36 SLU E . -22.27 1.59 -10.38
C1 EDO F . 1.12 18.69 -3.45
O1 EDO F . 1.60 17.68 -2.58
C2 EDO F . 1.34 20.06 -2.83
O2 EDO F . 2.74 20.38 -2.91
C1 EDO G . 3.17 7.27 -4.30
O1 EDO G . 4.49 7.57 -3.81
C2 EDO G . 3.22 6.90 -5.77
O2 EDO G . 3.46 8.10 -6.50
C1 EDO H . -20.78 25.53 -8.77
O1 EDO H . -19.75 25.84 -7.83
C2 EDO H . -20.34 25.90 -10.18
O2 EDO H . -19.07 25.33 -10.50
C1 EDO I . -11.21 15.27 3.46
O1 EDO I . -11.77 16.44 4.07
C2 EDO I . -10.81 14.24 4.52
O2 EDO I . -10.02 14.86 5.56
C1 EDO J . -29.99 -10.61 1.50
O1 EDO J . -31.32 -10.43 2.01
C2 EDO J . -29.49 -12.01 1.80
O2 EDO J . -29.79 -12.30 3.17
#